data_3ZYB
#
_entry.id   3ZYB
#
_cell.length_a   53.332
_cell.length_b   128.559
_cell.length_c   146.063
_cell.angle_alpha   90.00
_cell.angle_beta   90.00
_cell.angle_gamma   90.00
#
_symmetry.space_group_name_H-M   'P 21 21 21'
#
loop_
_entity.id
_entity.type
_entity.pdbx_description
1 polymer 'PA-I galactophilic lectin'
2 polymer GALA-LYS-PRO-LEUNH2
3 non-polymer 'CALCIUM ION'
4 non-polymer beta-D-galactopyranose
5 non-polymer 'P-HYDROXYBENZOIC ACID'
6 water water
#
loop_
_entity_poly.entity_id
_entity_poly.type
_entity_poly.pdbx_seq_one_letter_code
_entity_poly.pdbx_strand_id
1 'polypeptide(L)'
;MAWKGEVLANNEAGQVTSIIYNPGDVITIVAAGWASYGPTQKWGPQGDREHPDQGLICHDAFCGALVMKIGNSGTIPVNT
GLFRWVAPNNVQGAITLIYNDVPGTYGNNSGSFSVNIGKDQS
;
A,B,C,D,E,F,G,H
2 'polypeptide(L)' KPL(NH2) I,J,N
#
loop_
_chem_comp.id
_chem_comp.type
_chem_comp.name
_chem_comp.formula
CA non-polymer 'CALCIUM ION' 'Ca 2'
GAL D-saccharide, beta linking beta-D-galactopyranose 'C6 H12 O6'
NH2 non-polymer 'AMINO GROUP' 'H2 N'
PHB non-polymer 'P-HYDROXYBENZOIC ACID' 'C7 H6 O3'
#
# COMPACT_ATOMS: atom_id res chain seq x y z
N ALA A 2 10.90 13.03 -46.54
CA ALA A 2 10.84 13.34 -45.13
C ALA A 2 9.39 13.46 -44.67
N TRP A 3 9.20 13.54 -43.36
CA TRP A 3 7.86 13.65 -42.79
C TRP A 3 7.77 14.82 -41.81
N LYS A 4 6.65 15.50 -41.83
CA LYS A 4 6.39 16.59 -40.90
C LYS A 4 4.93 16.59 -40.48
N GLY A 5 4.69 16.55 -39.17
CA GLY A 5 3.32 16.52 -38.67
C GLY A 5 3.20 16.73 -37.18
N GLU A 6 2.00 16.51 -36.66
CA GLU A 6 1.72 16.70 -35.24
C GLU A 6 1.45 15.37 -34.57
N VAL A 7 1.81 15.29 -33.28
CA VAL A 7 1.53 14.11 -32.48
C VAL A 7 0.74 14.51 -31.25
N LEU A 8 -0.57 14.28 -31.27
CA LEU A 8 -1.43 14.67 -30.16
C LEU A 8 -1.15 13.85 -28.90
N ALA A 9 -1.07 14.53 -27.77
CA ALA A 9 -0.80 13.87 -26.50
C ALA A 9 -1.88 12.86 -26.14
N ASN A 10 -3.11 13.13 -26.58
CA ASN A 10 -4.24 12.28 -26.25
C ASN A 10 -4.42 11.12 -27.22
N ASN A 11 -3.51 11.01 -28.19
CA ASN A 11 -3.56 9.95 -29.19
C ASN A 11 -2.84 8.69 -28.71
N GLU A 12 -3.58 7.80 -28.05
CA GLU A 12 -3.00 6.59 -27.49
C GLU A 12 -2.48 5.63 -28.56
N ALA A 13 -3.15 5.60 -29.70
CA ALA A 13 -2.74 4.71 -30.79
C ALA A 13 -1.41 5.17 -31.38
N GLY A 14 -1.14 6.47 -31.28
CA GLY A 14 0.09 7.03 -31.80
C GLY A 14 -0.09 7.61 -33.20
N GLN A 15 0.84 8.48 -33.60
CA GLN A 15 0.80 9.10 -34.90
C GLN A 15 1.68 8.36 -35.90
N VAL A 16 1.06 7.71 -36.88
CA VAL A 16 1.79 7.02 -37.93
C VAL A 16 2.37 8.03 -38.92
N THR A 17 3.65 7.89 -39.23
CA THR A 17 4.31 8.76 -40.20
C THR A 17 4.51 8.02 -41.52
N SER A 18 5.05 8.73 -42.50
CA SER A 18 5.31 8.13 -43.81
C SER A 18 6.71 7.54 -43.88
N ILE A 19 7.44 7.66 -42.77
CA ILE A 19 8.83 7.21 -42.72
C ILE A 19 8.93 5.71 -42.46
N ILE A 20 9.49 4.98 -43.44
CA ILE A 20 9.72 3.56 -43.28
C ILE A 20 11.20 3.30 -43.04
N TYR A 21 11.56 3.05 -41.78
CA TYR A 21 12.96 2.82 -41.44
C TYR A 21 13.45 1.47 -41.96
N ASN A 22 14.44 1.52 -42.84
CA ASN A 22 15.02 0.31 -43.41
C ASN A 22 16.43 0.05 -42.87
N PRO A 23 16.86 -1.22 -42.90
CA PRO A 23 18.18 -1.60 -42.40
C PRO A 23 19.29 -0.73 -42.98
N GLY A 24 20.05 -0.06 -42.12
CA GLY A 24 21.16 0.77 -42.56
C GLY A 24 20.81 2.24 -42.61
N ASP A 25 19.52 2.56 -42.47
CA ASP A 25 19.08 3.94 -42.51
C ASP A 25 19.61 4.77 -41.34
N VAL A 26 19.96 6.01 -41.63
CA VAL A 26 20.32 6.98 -40.60
C VAL A 26 19.23 8.04 -40.60
N ILE A 27 18.64 8.29 -39.43
CA ILE A 27 17.52 9.24 -39.36
C ILE A 27 17.77 10.37 -38.37
N THR A 28 17.17 11.52 -38.65
CA THR A 28 17.21 12.65 -37.74
C THR A 28 15.80 13.12 -37.41
N ILE A 29 15.50 13.20 -36.11
CA ILE A 29 14.20 13.65 -35.66
C ILE A 29 14.34 14.92 -34.82
N VAL A 30 13.51 15.92 -35.14
CA VAL A 30 13.45 17.13 -34.33
C VAL A 30 12.02 17.37 -33.90
N ALA A 31 11.79 17.37 -32.59
CA ALA A 31 10.44 17.55 -32.04
C ALA A 31 10.35 18.78 -31.16
N ALA A 32 9.22 19.47 -31.23
CA ALA A 32 8.99 20.66 -30.43
C ALA A 32 7.52 20.80 -30.08
N GLY A 33 7.22 21.62 -29.07
CA GLY A 33 5.85 21.88 -28.68
C GLY A 33 5.58 21.64 -27.20
N TRP A 34 4.35 21.91 -26.79
CA TRP A 34 3.95 21.76 -25.40
C TRP A 34 2.73 20.87 -25.27
N ALA A 35 2.80 19.90 -24.37
CA ALA A 35 1.70 18.95 -24.16
C ALA A 35 1.55 18.60 -22.69
N SER A 36 0.40 18.04 -22.34
CA SER A 36 0.14 17.66 -20.95
C SER A 36 -0.52 16.29 -20.83
N TYR A 37 -0.24 15.62 -19.72
CA TYR A 37 -0.82 14.31 -19.45
C TYR A 37 -1.94 14.43 -18.41
N GLY A 38 -2.57 15.59 -18.35
CA GLY A 38 -3.63 15.82 -17.38
C GLY A 38 -3.58 17.18 -16.73
N PRO A 39 -2.51 17.46 -15.96
CA PRO A 39 -2.37 18.72 -15.22
C PRO A 39 -2.51 19.95 -16.12
N THR A 40 -2.82 21.09 -15.52
CA THR A 40 -2.95 22.34 -16.25
C THR A 40 -1.63 22.73 -16.91
N GLN A 41 -0.53 22.39 -16.24
CA GLN A 41 0.81 22.71 -16.74
C GLN A 41 1.13 21.97 -18.03
N LYS A 42 2.03 22.54 -18.83
CA LYS A 42 2.49 21.92 -20.06
C LYS A 42 3.98 21.62 -20.01
N TRP A 43 4.39 20.52 -20.64
CA TRP A 43 5.80 20.16 -20.71
C TRP A 43 6.27 20.00 -22.15
N GLY A 44 7.59 19.89 -22.33
CA GLY A 44 8.16 19.72 -23.65
C GLY A 44 8.32 18.26 -24.03
N PRO A 45 8.97 18.00 -25.17
CA PRO A 45 9.18 16.65 -25.69
C PRO A 45 9.90 15.72 -24.73
N GLN A 46 10.49 16.27 -23.67
CA GLN A 46 11.21 15.47 -22.69
C GLN A 46 10.32 15.04 -21.53
N GLY A 47 9.13 15.62 -21.46
CA GLY A 47 8.16 15.25 -20.45
C GLY A 47 8.41 15.90 -19.09
N ASP A 48 7.89 15.27 -18.05
CA ASP A 48 7.98 15.78 -16.69
C ASP A 48 9.02 15.02 -15.89
N ARG A 49 10.18 15.63 -15.68
CA ARG A 49 11.27 14.98 -14.98
C ARG A 49 10.94 14.68 -13.51
N GLU A 50 9.90 15.32 -13.00
CA GLU A 50 9.52 15.15 -11.60
C GLU A 50 8.35 14.17 -11.43
N HIS A 51 7.79 13.71 -12.54
CA HIS A 51 6.67 12.78 -12.48
C HIS A 51 7.15 11.33 -12.42
N PRO A 52 6.64 10.57 -11.44
CA PRO A 52 7.04 9.17 -11.24
C PRO A 52 6.41 8.23 -12.27
N ASP A 53 7.17 7.23 -12.71
CA ASP A 53 6.67 6.24 -13.64
C ASP A 53 5.73 5.28 -12.90
N GLN A 54 4.46 5.28 -13.31
CA GLN A 54 3.46 4.42 -12.71
C GLN A 54 2.71 3.62 -13.77
N GLY A 55 3.44 3.16 -14.78
CA GLY A 55 2.87 2.32 -15.82
C GLY A 55 3.00 2.90 -17.23
N LEU A 56 3.99 3.75 -17.43
CA LEU A 56 4.21 4.38 -18.74
C LEU A 56 4.51 3.36 -19.83
N ILE A 57 4.13 3.68 -21.06
CA ILE A 57 4.39 2.79 -22.19
C ILE A 57 5.88 2.70 -22.48
N CYS A 58 6.63 3.69 -22.00
CA CYS A 58 8.07 3.69 -22.15
C CYS A 58 8.73 4.01 -20.81
N HIS A 59 9.40 3.02 -20.24
CA HIS A 59 10.04 3.20 -18.93
C HIS A 59 11.40 3.86 -19.08
N ASP A 60 11.79 4.14 -20.32
CA ASP A 60 13.09 4.74 -20.59
C ASP A 60 12.99 6.25 -20.80
N ALA A 61 11.79 6.79 -20.59
CA ALA A 61 11.57 8.22 -20.75
C ALA A 61 10.59 8.73 -19.69
N PHE A 62 10.63 10.03 -19.43
CA PHE A 62 9.71 10.64 -18.47
C PHE A 62 8.30 10.68 -19.03
N CYS A 63 7.31 10.71 -18.14
CA CYS A 63 5.93 10.85 -18.55
C CYS A 63 5.73 12.18 -19.27
N GLY A 64 5.09 12.14 -20.43
CA GLY A 64 4.85 13.32 -21.21
C GLY A 64 5.93 13.54 -22.27
N ALA A 65 6.87 12.60 -22.34
CA ALA A 65 7.94 12.68 -23.33
C ALA A 65 7.50 12.03 -24.64
N LEU A 66 8.22 12.35 -25.72
CA LEU A 66 7.93 11.76 -27.02
C LEU A 66 8.69 10.45 -27.19
N VAL A 67 7.96 9.40 -27.58
CA VAL A 67 8.58 8.11 -27.89
C VAL A 67 8.10 7.65 -29.26
N MET A 68 8.65 6.54 -29.75
CA MET A 68 8.27 6.03 -31.05
C MET A 68 8.37 4.51 -31.12
N LYS A 69 7.75 3.94 -32.14
CA LYS A 69 7.92 2.54 -32.46
C LYS A 69 8.40 2.41 -33.89
N ILE A 70 9.23 1.40 -34.15
CA ILE A 70 9.65 1.11 -35.51
C ILE A 70 9.19 -0.29 -35.87
N GLY A 71 8.16 -0.38 -36.69
CA GLY A 71 7.50 -1.65 -36.96
C GLY A 71 6.74 -2.07 -35.71
N ASN A 72 6.88 -3.33 -35.33
CA ASN A 72 6.25 -3.82 -34.10
C ASN A 72 7.26 -3.96 -32.97
N SER A 73 8.09 -2.95 -32.81
CA SER A 73 9.10 -2.94 -31.75
C SER A 73 8.56 -2.32 -30.48
N GLY A 74 9.34 -2.39 -29.41
CA GLY A 74 8.98 -1.74 -28.17
C GLY A 74 9.14 -0.24 -28.29
N THR A 75 8.68 0.50 -27.28
CA THR A 75 8.78 1.96 -27.31
C THR A 75 10.23 2.41 -27.23
N ILE A 76 10.58 3.40 -28.05
CA ILE A 76 11.92 3.96 -28.07
C ILE A 76 11.87 5.45 -27.78
N PRO A 77 12.69 5.91 -26.84
CA PRO A 77 12.75 7.33 -26.45
C PRO A 77 13.13 8.23 -27.63
N VAL A 78 12.39 9.31 -27.81
CA VAL A 78 12.71 10.28 -28.85
C VAL A 78 13.05 11.63 -28.22
N ASN A 79 12.25 12.03 -27.23
CA ASN A 79 12.46 13.31 -26.56
C ASN A 79 12.55 14.46 -27.55
N THR A 80 13.50 15.36 -27.34
CA THR A 80 13.67 16.51 -28.21
C THR A 80 14.03 16.09 -29.63
N GLY A 81 14.51 14.87 -29.78
CA GLY A 81 14.83 14.34 -31.09
C GLY A 81 16.06 13.45 -31.12
N LEU A 82 16.40 12.98 -32.31
CA LEU A 82 17.55 12.11 -32.50
C LEU A 82 18.42 12.65 -33.64
N PHE A 83 19.72 12.67 -33.43
CA PHE A 83 20.65 13.23 -34.41
C PHE A 83 21.43 12.14 -35.13
N ARG A 84 21.15 11.96 -36.42
CA ARG A 84 21.82 10.94 -37.21
C ARG A 84 21.81 9.60 -36.47
N TRP A 85 20.61 9.11 -36.20
CA TRP A 85 20.40 7.97 -35.32
C TRP A 85 20.21 6.67 -36.11
N VAL A 86 20.75 5.58 -35.59
CA VAL A 86 20.61 4.27 -36.22
C VAL A 86 19.89 3.31 -35.28
N ALA A 87 18.87 2.63 -35.79
CA ALA A 87 18.07 1.72 -35.00
C ALA A 87 18.80 0.43 -34.65
N PRO A 88 18.38 -0.23 -33.56
CA PRO A 88 18.96 -1.52 -33.16
C PRO A 88 18.81 -2.57 -34.26
N ASN A 89 19.59 -3.65 -34.15
CA ASN A 89 19.53 -4.72 -35.13
C ASN A 89 18.14 -5.35 -35.21
N ASN A 90 17.73 -5.73 -36.42
CA ASN A 90 16.42 -6.36 -36.63
C ASN A 90 15.25 -5.44 -36.33
N VAL A 91 15.50 -4.13 -36.32
CA VAL A 91 14.46 -3.14 -36.12
C VAL A 91 14.17 -2.42 -37.42
N GLN A 92 12.92 -2.47 -37.86
CA GLN A 92 12.54 -1.90 -39.15
C GLN A 92 11.02 -1.78 -39.28
N GLY A 93 10.57 -0.88 -40.14
CA GLY A 93 9.15 -0.68 -40.36
C GLY A 93 8.74 0.77 -40.24
N ALA A 94 7.43 1.02 -40.36
CA ALA A 94 6.90 2.37 -40.26
C ALA A 94 7.17 2.98 -38.89
N ILE A 95 7.53 4.26 -38.86
CA ILE A 95 7.75 4.96 -37.61
C ILE A 95 6.44 5.51 -37.07
N THR A 96 6.08 5.10 -35.86
CA THR A 96 4.90 5.61 -35.18
C THR A 96 5.31 6.42 -33.96
N LEU A 97 5.00 7.71 -33.97
CA LEU A 97 5.32 8.58 -32.86
C LEU A 97 4.21 8.52 -31.82
N ILE A 98 4.60 8.45 -30.55
CA ILE A 98 3.62 8.31 -29.47
C ILE A 98 3.97 9.17 -28.26
N TYR A 99 2.95 9.76 -27.66
CA TYR A 99 3.10 10.50 -26.41
C TYR A 99 3.24 9.51 -25.26
N ASN A 100 4.28 9.69 -24.45
CA ASN A 100 4.54 8.76 -23.35
C ASN A 100 3.59 8.95 -22.18
N ASP A 101 2.70 7.99 -21.98
CA ASP A 101 1.73 8.06 -20.89
C ASP A 101 1.34 6.64 -20.46
N VAL A 102 0.48 6.56 -19.46
CA VAL A 102 0.00 5.28 -18.96
C VAL A 102 -1.22 4.82 -19.76
N PRO A 103 -1.17 3.57 -20.25
CA PRO A 103 -2.26 2.99 -21.05
C PRO A 103 -3.63 3.25 -20.44
N GLY A 104 -4.54 3.81 -21.22
CA GLY A 104 -5.89 4.05 -20.78
C GLY A 104 -6.11 5.38 -20.10
N THR A 105 -5.06 6.20 -20.02
CA THR A 105 -5.18 7.50 -19.35
C THR A 105 -5.07 8.67 -20.34
N TYR A 106 -4.84 8.36 -21.61
CA TYR A 106 -4.66 9.39 -22.63
C TYR A 106 -5.86 10.35 -22.76
N GLY A 107 -6.99 9.96 -22.19
CA GLY A 107 -8.22 10.72 -22.34
C GLY A 107 -8.18 12.19 -21.93
N ASN A 108 -7.41 12.50 -20.90
CA ASN A 108 -7.36 13.86 -20.38
C ASN A 108 -6.08 14.61 -20.77
N ASN A 109 -5.48 14.21 -21.89
CA ASN A 109 -4.27 14.86 -22.38
C ASN A 109 -4.58 16.02 -23.29
N SER A 110 -3.69 17.00 -23.33
CA SER A 110 -3.86 18.16 -24.19
C SER A 110 -2.55 18.55 -24.86
N GLY A 111 -2.65 19.38 -25.89
CA GLY A 111 -1.47 19.83 -26.61
C GLY A 111 -0.96 18.78 -27.58
N SER A 112 0.24 19.01 -28.11
CA SER A 112 0.83 18.11 -29.08
C SER A 112 2.27 18.49 -29.37
N PHE A 113 2.94 17.66 -30.16
CA PHE A 113 4.30 17.93 -30.58
C PHE A 113 4.39 17.97 -32.10
N SER A 114 4.92 19.05 -32.64
CA SER A 114 5.26 19.11 -34.05
C SER A 114 6.60 18.42 -34.24
N VAL A 115 6.65 17.46 -35.15
CA VAL A 115 7.85 16.65 -35.32
C VAL A 115 8.34 16.59 -36.77
N ASN A 116 9.64 16.74 -36.94
CA ASN A 116 10.26 16.57 -38.25
C ASN A 116 11.14 15.32 -38.29
N ILE A 117 10.88 14.46 -39.26
CA ILE A 117 11.68 13.25 -39.45
C ILE A 117 12.27 13.23 -40.86
N GLY A 118 13.57 12.98 -40.94
CA GLY A 118 14.24 12.90 -42.22
C GLY A 118 15.34 11.86 -42.21
N LYS A 119 15.54 11.19 -43.34
CA LYS A 119 16.63 10.24 -43.47
C LYS A 119 17.90 10.97 -43.88
N ASP A 120 19.03 10.57 -43.29
CA ASP A 120 20.30 11.22 -43.55
C ASP A 120 21.11 10.44 -44.58
N GLN A 121 22.11 11.08 -45.16
CA GLN A 121 22.95 10.42 -46.15
C GLN A 121 23.79 9.34 -45.47
N SER A 122 24.00 8.24 -46.19
CA SER A 122 24.75 7.12 -45.64
C SER A 122 25.36 6.26 -46.74
N ALA B 2 11.34 -30.01 -4.53
CA ALA B 2 10.79 -28.95 -3.70
C ALA B 2 11.91 -28.12 -3.09
N TRP B 3 11.60 -26.87 -2.74
CA TRP B 3 12.61 -25.98 -2.17
C TRP B 3 12.28 -25.59 -0.74
N LYS B 4 13.30 -25.62 0.12
CA LYS B 4 13.17 -25.17 1.50
C LYS B 4 14.39 -24.35 1.88
N GLY B 5 14.15 -23.10 2.28
CA GLY B 5 15.24 -22.21 2.66
C GLY B 5 14.78 -20.99 3.44
N GLU B 6 15.70 -20.07 3.68
CA GLU B 6 15.38 -18.84 4.39
C GLU B 6 15.38 -17.65 3.45
N VAL B 7 14.60 -16.64 3.80
CA VAL B 7 14.60 -15.38 3.07
C VAL B 7 14.93 -14.26 4.05
N LEU B 8 16.21 -13.86 4.07
CA LEU B 8 16.64 -12.81 4.98
C LEU B 8 15.97 -11.48 4.66
N ALA B 9 15.55 -10.77 5.70
CA ALA B 9 14.86 -9.50 5.52
C ALA B 9 15.77 -8.43 4.94
N ASN B 10 17.08 -8.57 5.16
CA ASN B 10 18.04 -7.59 4.68
C ASN B 10 18.64 -7.97 3.33
N ASN B 11 18.02 -8.93 2.65
CA ASN B 11 18.52 -9.39 1.36
C ASN B 11 17.80 -8.71 0.19
N GLU B 12 18.31 -7.55 -0.20
CA GLU B 12 17.69 -6.76 -1.26
C GLU B 12 17.71 -7.50 -2.60
N ALA B 13 18.71 -8.35 -2.79
CA ALA B 13 18.82 -9.14 -4.01
C ALA B 13 17.72 -10.19 -4.09
N GLY B 14 17.19 -10.57 -2.93
CA GLY B 14 16.19 -11.61 -2.86
C GLY B 14 16.84 -12.98 -2.80
N GLN B 15 16.07 -13.99 -2.40
CA GLN B 15 16.57 -15.35 -2.32
C GLN B 15 16.09 -16.19 -3.49
N VAL B 16 17.00 -16.47 -4.42
CA VAL B 16 16.68 -17.31 -5.57
C VAL B 16 16.45 -18.75 -5.11
N THR B 17 15.38 -19.37 -5.61
CA THR B 17 15.06 -20.74 -5.26
C THR B 17 15.39 -21.69 -6.41
N SER B 18 15.43 -22.98 -6.10
CA SER B 18 15.69 -24.00 -7.11
C SER B 18 14.44 -24.27 -7.94
N ILE B 19 13.34 -23.65 -7.54
CA ILE B 19 12.06 -23.84 -8.24
C ILE B 19 11.99 -22.99 -9.49
N ILE B 20 11.94 -23.65 -10.64
CA ILE B 20 11.74 -22.97 -11.92
C ILE B 20 10.28 -23.08 -12.34
N TYR B 21 9.52 -22.00 -12.20
CA TYR B 21 8.11 -22.05 -12.56
C TYR B 21 7.92 -22.14 -14.07
N ASN B 22 7.17 -23.14 -14.50
CA ASN B 22 6.90 -23.35 -15.92
C ASN B 22 5.42 -23.26 -16.24
N PRO B 23 5.09 -23.00 -17.51
CA PRO B 23 3.68 -22.89 -17.93
C PRO B 23 2.89 -24.15 -17.58
N GLY B 24 1.84 -23.99 -16.77
CA GLY B 24 1.01 -25.10 -16.37
C GLY B 24 1.31 -25.59 -14.96
N ASP B 25 2.38 -25.05 -14.38
CA ASP B 25 2.77 -25.45 -13.04
C ASP B 25 1.79 -24.96 -11.98
N VAL B 26 1.42 -25.86 -11.07
CA VAL B 26 0.65 -25.51 -9.90
C VAL B 26 1.58 -25.57 -8.70
N ILE B 27 1.73 -24.46 -7.99
CA ILE B 27 2.68 -24.41 -6.88
C ILE B 27 2.01 -24.11 -5.54
N THR B 28 2.61 -24.60 -4.47
CA THR B 28 2.15 -24.32 -3.12
C THR B 28 3.30 -23.76 -2.30
N ILE B 29 3.03 -22.67 -1.58
CA ILE B 29 4.04 -22.03 -0.75
C ILE B 29 3.53 -21.86 0.68
N VAL B 30 4.41 -22.10 1.64
CA VAL B 30 4.12 -21.85 3.04
C VAL B 30 5.26 -21.06 3.67
N ALA B 31 4.94 -19.87 4.16
CA ALA B 31 5.95 -18.99 4.74
C ALA B 31 5.65 -18.73 6.22
N ALA B 32 6.69 -18.76 7.04
CA ALA B 32 6.54 -18.53 8.48
C ALA B 32 7.78 -17.84 9.05
N GLY B 33 7.63 -17.25 10.22
CA GLY B 33 8.76 -16.61 10.89
C GLY B 33 8.53 -15.16 11.22
N TRP B 34 9.55 -14.52 11.79
CA TRP B 34 9.47 -13.12 12.18
C TRP B 34 10.60 -12.30 11.59
N ALA B 35 10.27 -11.15 11.01
CA ALA B 35 11.26 -10.30 10.39
C ALA B 35 10.92 -8.82 10.62
N SER B 36 11.88 -7.94 10.35
CA SER B 36 11.67 -6.51 10.58
C SER B 36 12.32 -5.65 9.51
N TYR B 37 11.73 -4.49 9.27
CA TYR B 37 12.26 -3.53 8.31
C TYR B 37 12.98 -2.40 9.03
N GLY B 38 13.44 -2.66 10.24
CA GLY B 38 14.16 -1.65 11.01
C GLY B 38 13.90 -1.70 12.51
N PRO B 39 12.64 -1.41 12.91
CA PRO B 39 12.27 -1.36 14.32
C PRO B 39 12.59 -2.66 15.06
N THR B 40 12.61 -2.60 16.39
CA THR B 40 12.86 -3.77 17.21
C THR B 40 11.73 -4.78 17.07
N GLN B 41 10.51 -4.27 16.97
CA GLN B 41 9.33 -5.10 16.77
C GLN B 41 9.48 -5.94 15.51
N LYS B 42 8.85 -7.11 15.50
CA LYS B 42 8.88 -7.99 14.33
C LYS B 42 7.49 -8.32 13.82
N TRP B 43 7.39 -8.62 12.53
CA TRP B 43 6.12 -8.95 11.90
C TRP B 43 6.22 -10.25 11.11
N GLY B 44 5.06 -10.84 10.82
CA GLY B 44 5.02 -12.08 10.06
C GLY B 44 5.09 -11.86 8.57
N PRO B 45 4.94 -12.93 7.79
CA PRO B 45 5.02 -12.89 6.32
C PRO B 45 4.01 -11.95 5.67
N GLN B 46 2.98 -11.54 6.42
CA GLN B 46 2.01 -10.59 5.89
C GLN B 46 2.46 -9.15 6.09
N GLY B 47 3.56 -8.98 6.81
CA GLY B 47 4.12 -7.65 7.04
C GLY B 47 3.37 -6.82 8.06
N ASP B 48 3.59 -5.51 8.01
CA ASP B 48 2.99 -4.60 8.97
C ASP B 48 1.83 -3.82 8.34
N ARG B 49 0.62 -4.15 8.78
CA ARG B 49 -0.60 -3.56 8.21
C ARG B 49 -0.78 -2.10 8.61
N GLU B 50 0.01 -1.64 9.58
CA GLU B 50 -0.10 -0.27 10.08
C GLU B 50 0.90 0.67 9.41
N HIS B 51 1.89 0.10 8.73
CA HIS B 51 2.97 0.90 8.16
C HIS B 51 2.59 1.50 6.81
N PRO B 52 2.99 2.75 6.58
CA PRO B 52 2.74 3.42 5.30
C PRO B 52 3.64 2.89 4.19
N ASP B 53 3.15 2.93 2.96
CA ASP B 53 3.97 2.57 1.80
C ASP B 53 4.86 3.75 1.43
N GLN B 54 6.17 3.61 1.66
CA GLN B 54 7.10 4.69 1.37
C GLN B 54 7.93 4.40 0.12
N GLY B 55 7.37 3.61 -0.79
CA GLY B 55 8.05 3.25 -2.03
C GLY B 55 8.48 1.79 -2.06
N LEU B 56 7.62 0.92 -1.55
CA LEU B 56 7.91 -0.51 -1.49
C LEU B 56 8.12 -1.11 -2.88
N ILE B 57 8.90 -2.20 -2.95
CA ILE B 57 9.11 -2.90 -4.21
C ILE B 57 7.83 -3.62 -4.64
N CYS B 58 6.88 -3.74 -3.71
CA CYS B 58 5.59 -4.34 -4.01
C CYS B 58 4.48 -3.58 -3.30
N HIS B 59 3.79 -2.73 -4.04
CA HIS B 59 2.74 -1.90 -3.49
C HIS B 59 1.48 -2.70 -3.13
N ASP B 60 1.38 -3.90 -3.70
CA ASP B 60 0.20 -4.73 -3.48
C ASP B 60 0.31 -5.55 -2.19
N ALA B 61 1.36 -5.30 -1.42
CA ALA B 61 1.56 -5.98 -0.15
C ALA B 61 2.14 -5.03 0.89
N PHE B 62 1.88 -5.32 2.16
CA PHE B 62 2.36 -4.47 3.24
C PHE B 62 3.87 -4.50 3.37
N CYS B 63 4.42 -3.47 4.00
CA CYS B 63 5.86 -3.40 4.26
C CYS B 63 6.26 -4.49 5.25
N GLY B 64 7.22 -5.31 4.85
CA GLY B 64 7.66 -6.41 5.69
C GLY B 64 7.02 -7.73 5.29
N ALA B 65 6.19 -7.69 4.25
CA ALA B 65 5.55 -8.89 3.75
C ALA B 65 6.48 -9.66 2.83
N LEU B 66 6.19 -10.94 2.61
CA LEU B 66 6.96 -11.75 1.69
C LEU B 66 6.39 -11.64 0.28
N VAL B 67 7.26 -11.39 -0.69
CA VAL B 67 6.85 -11.32 -2.09
C VAL B 67 7.80 -12.15 -2.94
N MET B 68 7.44 -12.35 -4.20
CA MET B 68 8.25 -13.17 -5.09
C MET B 68 8.29 -12.62 -6.51
N LYS B 69 9.30 -13.06 -7.27
CA LYS B 69 9.35 -12.80 -8.70
C LYS B 69 9.48 -14.13 -9.43
N ILE B 70 8.83 -14.23 -10.59
CA ILE B 70 8.95 -15.40 -11.42
C ILE B 70 9.68 -15.03 -12.70
N GLY B 71 10.98 -15.30 -12.73
CA GLY B 71 11.82 -14.85 -13.82
C GLY B 71 12.14 -13.38 -13.63
N ASN B 72 11.77 -12.55 -14.59
CA ASN B 72 12.01 -11.11 -14.51
C ASN B 72 10.70 -10.33 -14.40
N SER B 73 9.68 -10.95 -13.81
CA SER B 73 8.38 -10.31 -13.65
C SER B 73 8.41 -9.25 -12.56
N GLY B 74 7.31 -8.54 -12.41
CA GLY B 74 7.14 -7.62 -11.30
C GLY B 74 6.88 -8.41 -10.04
N THR B 75 6.95 -7.74 -8.89
CA THR B 75 6.74 -8.40 -7.61
C THR B 75 5.33 -8.97 -7.48
N ILE B 76 5.23 -10.19 -6.95
CA ILE B 76 3.95 -10.82 -6.70
C ILE B 76 3.84 -11.17 -5.22
N PRO B 77 2.75 -10.71 -4.57
CA PRO B 77 2.53 -10.94 -3.14
C PRO B 77 2.48 -12.42 -2.79
N VAL B 78 3.19 -12.80 -1.74
CA VAL B 78 3.18 -14.18 -1.25
C VAL B 78 2.54 -14.26 0.12
N ASN B 79 2.92 -13.32 0.98
CA ASN B 79 2.42 -13.29 2.36
C ASN B 79 2.64 -14.63 3.06
N THR B 80 1.60 -15.11 3.74
CA THR B 80 1.69 -16.39 4.46
C THR B 80 1.95 -17.55 3.51
N GLY B 81 1.55 -17.38 2.25
CA GLY B 81 1.78 -18.41 1.24
C GLY B 81 0.68 -18.51 0.20
N LEU B 82 0.83 -19.46 -0.71
CA LEU B 82 -0.16 -19.69 -1.75
C LEU B 82 -0.50 -21.17 -1.79
N PHE B 83 -1.77 -21.48 -2.07
CA PHE B 83 -2.23 -22.86 -2.09
C PHE B 83 -2.63 -23.28 -3.50
N ARG B 84 -1.88 -24.23 -4.06
CA ARG B 84 -2.13 -24.71 -5.41
C ARG B 84 -2.37 -23.53 -6.35
N TRP B 85 -1.36 -22.67 -6.43
CA TRP B 85 -1.45 -21.40 -7.14
C TRP B 85 -0.93 -21.52 -8.57
N VAL B 86 -1.59 -20.81 -9.49
CA VAL B 86 -1.18 -20.79 -10.89
C VAL B 86 -0.80 -19.37 -11.31
N ALA B 87 0.34 -19.24 -11.98
CA ALA B 87 0.85 -17.92 -12.37
C ALA B 87 0.06 -17.31 -13.53
N PRO B 88 0.12 -15.97 -13.64
CA PRO B 88 -0.52 -15.24 -14.74
C PRO B 88 0.02 -15.67 -16.10
N ASN B 89 -0.63 -15.23 -17.17
CA ASN B 89 -0.23 -15.60 -18.53
C ASN B 89 1.18 -15.12 -18.87
N ASN B 90 1.94 -15.98 -19.54
CA ASN B 90 3.29 -15.61 -20.00
C ASN B 90 4.23 -15.25 -18.86
N VAL B 91 4.05 -15.88 -17.71
CA VAL B 91 4.94 -15.69 -16.57
C VAL B 91 5.68 -16.99 -16.26
N GLN B 92 7.00 -16.96 -16.40
CA GLN B 92 7.81 -18.16 -16.19
C GLN B 92 9.25 -17.82 -15.82
N GLY B 93 9.94 -18.77 -15.20
CA GLY B 93 11.32 -18.58 -14.80
C GLY B 93 11.55 -18.94 -13.35
N ALA B 94 12.79 -18.79 -12.89
CA ALA B 94 13.15 -19.08 -11.51
C ALA B 94 12.37 -18.22 -10.53
N ILE B 95 11.97 -18.81 -9.41
CA ILE B 95 11.26 -18.06 -8.38
C ILE B 95 12.23 -17.45 -7.38
N THR B 96 12.12 -16.13 -7.19
CA THR B 96 12.93 -15.43 -6.23
C THR B 96 12.07 -14.83 -5.12
N LEU B 97 12.34 -15.25 -3.88
CA LEU B 97 11.60 -14.71 -2.74
C LEU B 97 12.29 -13.45 -2.23
N ILE B 98 11.50 -12.44 -1.89
CA ILE B 98 12.05 -11.16 -1.47
C ILE B 98 11.25 -10.54 -0.32
N TYR B 99 11.96 -10.02 0.67
CA TYR B 99 11.34 -9.27 1.74
C TYR B 99 10.84 -7.94 1.17
N ASN B 100 9.60 -7.57 1.48
CA ASN B 100 9.04 -6.34 0.93
C ASN B 100 9.47 -5.10 1.70
N ASP B 101 10.31 -4.30 1.08
CA ASP B 101 10.82 -3.09 1.70
C ASP B 101 11.09 -2.03 0.64
N VAL B 102 11.54 -0.86 1.07
CA VAL B 102 11.89 0.22 0.15
C VAL B 102 13.30 0.02 -0.37
N PRO B 103 13.50 0.18 -1.68
CA PRO B 103 14.81 0.04 -2.31
C PRO B 103 15.87 0.88 -1.60
N GLY B 104 16.98 0.25 -1.23
CA GLY B 104 18.09 0.95 -0.61
C GLY B 104 18.01 1.08 0.90
N THR B 105 17.00 0.45 1.50
CA THR B 105 16.83 0.54 2.94
C THR B 105 17.00 -0.80 3.65
N TYR B 106 17.21 -1.88 2.89
CA TYR B 106 17.36 -3.21 3.45
C TYR B 106 18.48 -3.31 4.48
N GLY B 107 19.33 -2.29 4.53
CA GLY B 107 20.49 -2.30 5.39
C GLY B 107 20.25 -2.56 6.87
N ASN B 108 19.15 -2.03 7.42
CA ASN B 108 18.87 -2.17 8.84
C ASN B 108 17.81 -3.24 9.16
N ASN B 109 17.52 -4.08 8.17
CA ASN B 109 16.55 -5.17 8.37
C ASN B 109 17.11 -6.30 9.21
N SER B 110 16.22 -7.06 9.84
CA SER B 110 16.63 -8.17 10.68
C SER B 110 15.61 -9.32 10.63
N GLY B 111 16.07 -10.51 11.01
CA GLY B 111 15.22 -11.68 11.00
C GLY B 111 15.06 -12.26 9.60
N SER B 112 14.24 -13.29 9.48
CA SER B 112 14.03 -13.95 8.20
C SER B 112 12.72 -14.73 8.17
N PHE B 113 12.36 -15.21 6.99
CA PHE B 113 11.18 -16.05 6.81
C PHE B 113 11.61 -17.42 6.31
N SER B 114 11.17 -18.46 7.01
CA SER B 114 11.37 -19.83 6.53
C SER B 114 10.27 -20.13 5.52
N VAL B 115 10.65 -20.62 4.34
CA VAL B 115 9.69 -20.81 3.26
C VAL B 115 9.83 -22.16 2.57
N ASN B 116 8.69 -22.82 2.34
CA ASN B 116 8.66 -24.05 1.57
C ASN B 116 7.93 -23.83 0.25
N ILE B 117 8.48 -24.39 -0.83
CA ILE B 117 7.85 -24.32 -2.13
C ILE B 117 7.83 -25.70 -2.79
N GLY B 118 6.65 -26.13 -3.20
CA GLY B 118 6.50 -27.39 -3.90
C GLY B 118 5.55 -27.26 -5.07
N LYS B 119 5.78 -28.04 -6.11
CA LYS B 119 4.85 -28.09 -7.23
C LYS B 119 3.80 -29.14 -6.94
N ASP B 120 2.54 -28.80 -7.15
CA ASP B 120 1.44 -29.73 -6.93
C ASP B 120 1.20 -30.56 -8.19
N GLN B 121 0.37 -31.59 -8.08
CA GLN B 121 0.10 -32.45 -9.22
C GLN B 121 -0.88 -31.78 -10.18
N SER B 122 -0.46 -31.62 -11.43
CA SER B 122 -1.28 -30.98 -12.44
C SER B 122 -1.54 -31.90 -13.62
N ALA C 2 -10.16 -31.58 -0.69
CA ALA C 2 -9.56 -30.36 -0.14
C ALA C 2 -10.63 -29.49 0.50
N TRP C 3 -10.23 -28.73 1.51
CA TRP C 3 -11.16 -27.88 2.24
C TRP C 3 -10.72 -26.41 2.22
N LYS C 4 -11.70 -25.52 2.21
CA LYS C 4 -11.44 -24.09 2.25
C LYS C 4 -12.55 -23.39 3.01
N GLY C 5 -12.18 -22.63 4.04
CA GLY C 5 -13.16 -21.94 4.86
C GLY C 5 -12.57 -20.85 5.75
N GLU C 6 -13.42 -20.26 6.57
CA GLU C 6 -13.00 -19.19 7.46
C GLU C 6 -12.93 -19.66 8.90
N VAL C 7 -11.82 -19.31 9.57
CA VAL C 7 -11.66 -19.60 10.99
C VAL C 7 -11.86 -18.32 11.79
N LEU C 8 -13.05 -18.16 12.35
CA LEU C 8 -13.40 -16.94 13.08
C LEU C 8 -12.75 -16.91 14.46
N ALA C 9 -12.19 -15.76 14.81
CA ALA C 9 -11.46 -15.60 16.06
C ALA C 9 -12.34 -15.77 17.29
N ASN C 10 -13.64 -15.51 17.15
CA ASN C 10 -14.56 -15.58 18.28
C ASN C 10 -15.25 -16.93 18.43
N ASN C 11 -14.93 -17.87 17.54
CA ASN C 11 -15.51 -19.21 17.62
C ASN C 11 -14.73 -20.13 18.55
N GLU C 12 -15.13 -20.16 19.81
CA GLU C 12 -14.43 -20.92 20.83
C GLU C 12 -14.52 -22.43 20.61
N ALA C 13 -15.60 -22.87 19.97
CA ALA C 13 -15.80 -24.29 19.70
C ALA C 13 -14.93 -24.75 18.52
N GLY C 14 -14.37 -23.80 17.80
CA GLY C 14 -13.51 -24.11 16.67
C GLY C 14 -14.28 -24.39 15.39
N GLN C 15 -13.59 -24.33 14.26
CA GLN C 15 -14.20 -24.56 12.96
C GLN C 15 -13.86 -25.95 12.43
N VAL C 16 -14.87 -26.82 12.41
CA VAL C 16 -14.68 -28.18 11.88
C VAL C 16 -14.53 -28.14 10.37
N THR C 17 -13.53 -28.85 9.86
CA THR C 17 -13.32 -28.96 8.42
C THR C 17 -13.85 -30.29 7.91
N SER C 18 -13.85 -30.47 6.59
CA SER C 18 -14.31 -31.72 5.99
C SER C 18 -13.15 -32.68 5.81
N ILE C 19 -12.00 -32.33 6.38
CA ILE C 19 -10.81 -33.16 6.27
C ILE C 19 -10.69 -34.15 7.42
N ILE C 20 -10.68 -35.44 7.09
CA ILE C 20 -10.43 -36.48 8.07
C ILE C 20 -9.00 -36.98 7.92
N TYR C 21 -8.14 -36.66 8.88
CA TYR C 21 -6.75 -37.10 8.80
C TYR C 21 -6.64 -38.57 9.20
N ASN C 22 -6.13 -39.38 8.28
CA ASN C 22 -5.92 -40.80 8.53
C ASN C 22 -4.43 -41.13 8.61
N PRO C 23 -4.09 -42.25 9.24
CA PRO C 23 -2.69 -42.65 9.38
C PRO C 23 -1.95 -42.64 8.04
N GLY C 24 -0.77 -42.03 8.02
CA GLY C 24 0.04 -41.98 6.81
C GLY C 24 -0.23 -40.77 5.93
N ASP C 25 -1.34 -40.08 6.20
CA ASP C 25 -1.71 -38.92 5.40
C ASP C 25 -0.68 -37.79 5.48
N VAL C 26 -0.40 -37.19 4.33
CA VAL C 26 0.45 -36.02 4.25
C VAL C 26 -0.43 -34.82 3.88
N ILE C 27 -0.46 -33.82 4.75
CA ILE C 27 -1.35 -32.68 4.53
C ILE C 27 -0.60 -31.36 4.43
N THR C 28 -1.19 -30.42 3.69
CA THR C 28 -0.66 -29.06 3.59
C THR C 28 -1.74 -28.05 3.96
N ILE C 29 -1.37 -27.07 4.77
CA ILE C 29 -2.30 -26.05 5.23
C ILE C 29 -1.74 -24.66 4.97
N VAL C 30 -2.59 -23.77 4.46
CA VAL C 30 -2.20 -22.38 4.25
C VAL C 30 -3.21 -21.46 4.91
N ALA C 31 -2.74 -20.64 5.85
CA ALA C 31 -3.62 -19.76 6.60
C ALA C 31 -3.24 -18.29 6.39
N ALA C 32 -4.23 -17.45 6.13
CA ALA C 32 -3.99 -16.03 5.96
C ALA C 32 -5.12 -15.21 6.57
N GLY C 33 -4.86 -13.94 6.83
CA GLY C 33 -5.87 -13.05 7.36
C GLY C 33 -5.44 -12.29 8.59
N TRP C 34 -6.35 -11.50 9.13
CA TRP C 34 -6.08 -10.69 10.31
C TRP C 34 -7.18 -10.87 11.35
N ALA C 35 -6.78 -11.00 12.60
CA ALA C 35 -7.74 -11.20 13.69
C ALA C 35 -7.20 -10.63 14.98
N SER C 36 -8.06 -10.53 15.99
CA SER C 36 -7.66 -10.00 17.28
C SER C 36 -8.31 -10.75 18.44
N TYR C 37 -7.63 -10.74 19.59
CA TYR C 37 -8.14 -11.36 20.80
C TYR C 37 -8.63 -10.29 21.77
N GLY C 38 -9.14 -9.18 21.22
CA GLY C 38 -9.63 -8.10 22.05
C GLY C 38 -9.15 -6.73 21.63
N PRO C 39 -7.83 -6.49 21.67
CA PRO C 39 -7.25 -5.20 21.30
C PRO C 39 -7.69 -4.73 19.91
N THR C 40 -7.59 -3.43 19.66
CA THR C 40 -7.94 -2.87 18.37
C THR C 40 -6.97 -3.34 17.29
N GLN C 41 -5.71 -3.51 17.69
CA GLN C 41 -4.67 -4.01 16.79
C GLN C 41 -5.02 -5.43 16.31
N LYS C 42 -4.50 -5.79 15.14
CA LYS C 42 -4.74 -7.12 14.59
C LYS C 42 -3.44 -7.84 14.29
N TRP C 43 -3.46 -9.17 14.37
CA TRP C 43 -2.28 -9.98 14.11
C TRP C 43 -2.58 -11.08 13.08
N GLY C 44 -1.53 -11.70 12.57
CA GLY C 44 -1.67 -12.76 11.59
C GLY C 44 -1.85 -14.12 12.23
N PRO C 45 -1.85 -15.19 11.42
CA PRO C 45 -2.03 -16.58 11.87
C PRO C 45 -0.99 -17.02 12.89
N GLN C 46 0.05 -16.22 13.09
CA GLN C 46 1.09 -16.55 14.07
C GLN C 46 0.78 -15.92 15.41
N GLY C 47 -0.17 -15.00 15.42
CA GLY C 47 -0.60 -14.36 16.65
C GLY C 47 0.30 -13.23 17.10
N ASP C 48 0.26 -12.95 18.40
CA ASP C 48 1.02 -11.84 18.98
C ASP C 48 2.22 -12.36 19.77
N ARG C 49 3.41 -12.11 19.24
CA ARG C 49 4.65 -12.63 19.84
C ARG C 49 5.02 -11.92 21.13
N GLU C 50 4.35 -10.80 21.42
CA GLU C 50 4.66 -10.02 22.61
C GLU C 50 3.66 -10.25 23.74
N HIS C 51 2.65 -11.05 23.46
CA HIS C 51 1.60 -11.31 24.46
C HIS C 51 1.91 -12.54 25.30
N PRO C 52 1.89 -12.38 26.63
CA PRO C 52 2.17 -13.48 27.56
C PRO C 52 1.05 -14.51 27.57
N ASP C 53 1.41 -15.76 27.88
CA ASP C 53 0.46 -16.85 27.92
C ASP C 53 -0.32 -16.83 29.24
N GLN C 54 -1.59 -16.44 29.18
CA GLN C 54 -2.41 -16.33 30.38
C GLN C 54 -3.36 -17.52 30.53
N GLY C 55 -2.99 -18.65 29.91
CA GLY C 55 -3.81 -19.84 29.97
C GLY C 55 -4.45 -20.17 28.63
N LEU C 56 -3.69 -19.99 27.57
CA LEU C 56 -4.17 -20.27 26.22
C LEU C 56 -4.53 -21.75 26.05
N ILE C 57 -5.37 -22.04 25.07
CA ILE C 57 -5.72 -23.43 24.77
C ILE C 57 -4.53 -24.18 24.19
N CYS C 58 -3.57 -23.43 23.65
CA CYS C 58 -2.35 -24.02 23.12
C CYS C 58 -1.13 -23.22 23.55
N HIS C 59 -0.35 -23.79 24.47
CA HIS C 59 0.84 -23.12 24.97
C HIS C 59 1.96 -23.12 23.95
N ASP C 60 1.81 -23.92 22.90
CA ASP C 60 2.85 -24.08 21.89
C ASP C 60 2.79 -23.02 20.80
N ALA C 61 1.92 -22.03 21.00
CA ALA C 61 1.79 -20.94 20.04
C ALA C 61 1.33 -19.67 20.74
N PHE C 62 1.58 -18.53 20.11
CA PHE C 62 1.20 -17.25 20.68
C PHE C 62 -0.31 -17.04 20.67
N CYS C 63 -0.78 -16.15 21.54
CA CYS C 63 -2.19 -15.77 21.56
C CYS C 63 -2.55 -15.08 20.26
N GLY C 64 -3.59 -15.56 19.60
CA GLY C 64 -4.00 -15.01 18.32
C GLY C 64 -3.51 -15.86 17.16
N ALA C 65 -2.81 -16.94 17.48
CA ALA C 65 -2.31 -17.86 16.46
C ALA C 65 -3.35 -18.91 16.10
N LEU C 66 -3.23 -19.45 14.89
CA LEU C 66 -4.13 -20.51 14.45
C LEU C 66 -3.60 -21.86 14.92
N VAL C 67 -4.45 -22.63 15.59
CA VAL C 67 -4.10 -23.98 16.01
C VAL C 67 -5.19 -24.94 15.56
N MET C 68 -4.95 -26.23 15.76
CA MET C 68 -5.91 -27.24 15.32
C MET C 68 -5.98 -28.44 16.25
N LYS C 69 -7.06 -29.19 16.14
CA LYS C 69 -7.18 -30.48 16.78
C LYS C 69 -7.41 -31.53 15.70
N ILE C 70 -6.84 -32.71 15.89
CA ILE C 70 -7.10 -33.83 14.99
C ILE C 70 -7.79 -34.93 15.77
N GLY C 71 -9.10 -35.05 15.57
CA GLY C 71 -9.91 -35.91 16.41
C GLY C 71 -10.12 -35.24 17.74
N ASN C 72 -9.87 -35.96 18.83
CA ASN C 72 -9.93 -35.36 20.16
C ASN C 72 -8.55 -35.29 20.80
N SER C 73 -7.55 -34.92 19.99
CA SER C 73 -6.19 -34.79 20.48
C SER C 73 -6.00 -33.42 21.13
N GLY C 74 -4.79 -33.17 21.61
CA GLY C 74 -4.45 -31.87 22.17
C GLY C 74 -4.26 -30.85 21.06
N THR C 75 -4.27 -29.58 21.42
CA THR C 75 -4.11 -28.51 20.44
C THR C 75 -2.75 -28.62 19.74
N ILE C 76 -2.74 -28.34 18.45
CA ILE C 76 -1.52 -28.39 17.66
C ILE C 76 -1.33 -27.09 16.87
N PRO C 77 -0.16 -26.47 17.03
CA PRO C 77 0.14 -25.21 16.34
C PRO C 77 0.04 -25.36 14.82
N VAL C 78 -0.65 -24.43 14.19
CA VAL C 78 -0.75 -24.39 12.73
C VAL C 78 -0.04 -23.14 12.22
N ASN C 79 -0.34 -22.01 12.83
CA ASN C 79 0.21 -20.72 12.41
C ASN C 79 -0.13 -20.40 10.97
N THR C 80 0.88 -19.99 10.20
CA THR C 80 0.67 -19.63 8.80
C THR C 80 0.32 -20.85 7.97
N GLY C 81 0.68 -22.03 8.47
CA GLY C 81 0.35 -23.27 7.79
C GLY C 81 1.37 -24.36 7.98
N LEU C 82 1.12 -25.51 7.35
CA LEU C 82 2.00 -26.66 7.42
C LEU C 82 2.27 -27.18 6.02
N PHE C 83 3.52 -27.52 5.72
CA PHE C 83 3.88 -27.98 4.40
C PHE C 83 4.15 -29.48 4.38
N ARG C 84 3.34 -30.21 3.62
CA ARG C 84 3.49 -31.66 3.50
C ARG C 84 3.81 -32.26 4.87
N TRP C 85 2.92 -32.01 5.81
CA TRP C 85 3.11 -32.33 7.21
C TRP C 85 2.49 -33.67 7.60
N VAL C 86 3.16 -34.41 8.47
CA VAL C 86 2.65 -35.69 8.94
C VAL C 86 2.39 -35.64 10.44
N ALA C 87 1.19 -36.03 10.84
CA ALA C 87 0.80 -35.98 12.24
C ALA C 87 1.57 -36.99 13.08
N PRO C 88 1.70 -36.71 14.40
CA PRO C 88 2.33 -37.64 15.35
C PRO C 88 1.61 -38.98 15.39
N ASN C 89 2.26 -39.99 15.94
CA ASN C 89 1.67 -41.32 16.03
C ASN C 89 0.34 -41.33 16.79
N ASN C 90 -0.56 -42.20 16.35
CA ASN C 90 -1.84 -42.40 17.02
C ASN C 90 -2.83 -41.22 16.85
N VAL C 91 -2.39 -40.18 16.16
CA VAL C 91 -3.23 -39.01 15.93
C VAL C 91 -4.03 -39.15 14.64
N GLN C 92 -5.36 -39.07 14.76
CA GLN C 92 -6.23 -39.20 13.60
C GLN C 92 -7.62 -38.62 13.88
N GLY C 93 -8.41 -38.46 12.83
CA GLY C 93 -9.76 -37.95 12.97
C GLY C 93 -9.99 -36.66 12.22
N ALA C 94 -11.18 -36.09 12.37
CA ALA C 94 -11.53 -34.83 11.72
C ALA C 94 -10.65 -33.69 12.21
N ILE C 95 -10.30 -32.79 11.30
CA ILE C 95 -9.50 -31.63 11.65
C ILE C 95 -10.39 -30.45 12.04
N THR C 96 -10.19 -29.94 13.25
CA THR C 96 -10.90 -28.75 13.70
C THR C 96 -9.91 -27.61 13.89
N LEU C 97 -10.17 -26.48 13.26
CA LEU C 97 -9.29 -25.32 13.36
C LEU C 97 -9.79 -24.36 14.43
N ILE C 98 -8.88 -23.88 15.27
CA ILE C 98 -9.26 -23.04 16.40
C ILE C 98 -8.35 -21.83 16.56
N TYR C 99 -8.94 -20.68 16.89
CA TYR C 99 -8.19 -19.49 17.21
C TYR C 99 -7.63 -19.63 18.62
N ASN C 100 -6.32 -19.44 18.77
CA ASN C 100 -5.67 -19.61 20.06
C ASN C 100 -5.94 -18.46 21.02
N ASP C 101 -6.73 -18.74 22.05
CA ASP C 101 -7.08 -17.74 23.05
C ASP C 101 -7.36 -18.43 24.38
N VAL C 102 -7.55 -17.65 25.44
CA VAL C 102 -7.88 -18.18 26.74
C VAL C 102 -9.35 -18.57 26.80
N PRO C 103 -9.63 -19.79 27.28
CA PRO C 103 -11.01 -20.29 27.37
C PRO C 103 -11.92 -19.31 28.10
N GLY C 104 -13.05 -18.99 27.49
CA GLY C 104 -14.04 -18.12 28.10
C GLY C 104 -13.82 -16.64 27.83
N THR C 105 -12.88 -16.32 26.95
CA THR C 105 -12.59 -14.93 26.65
C THR C 105 -12.83 -14.59 25.18
N TYR C 106 -13.23 -15.58 24.40
CA TYR C 106 -13.45 -15.40 22.97
C TYR C 106 -14.49 -14.34 22.63
N GLY C 107 -15.23 -13.89 23.64
CA GLY C 107 -16.30 -12.92 23.44
C GLY C 107 -15.92 -11.69 22.65
N ASN C 108 -14.83 -11.04 23.05
CA ASN C 108 -14.40 -9.80 22.41
C ASN C 108 -13.45 -10.00 21.23
N ASN C 109 -13.47 -11.19 20.64
CA ASN C 109 -12.64 -11.48 19.49
C ASN C 109 -13.26 -10.99 18.19
N SER C 110 -12.42 -10.63 17.23
CA SER C 110 -12.89 -10.18 15.92
C SER C 110 -11.91 -10.60 14.82
N GLY C 111 -12.39 -10.56 13.59
CA GLY C 111 -11.57 -10.95 12.45
C GLY C 111 -11.57 -12.45 12.27
N SER C 112 -10.82 -12.93 11.27
CA SER C 112 -10.79 -14.35 10.98
C SER C 112 -9.63 -14.70 10.05
N PHE C 113 -9.38 -15.98 9.89
CA PHE C 113 -8.35 -16.46 8.98
C PHE C 113 -8.98 -17.30 7.87
N SER C 114 -8.63 -16.98 6.63
CA SER C 114 -9.01 -17.83 5.50
C SER C 114 -7.98 -18.94 5.40
N VAL C 115 -8.44 -20.18 5.49
CA VAL C 115 -7.55 -21.33 5.54
C VAL C 115 -7.83 -22.35 4.45
N ASN C 116 -6.77 -22.86 3.84
CA ASN C 116 -6.88 -23.94 2.89
C ASN C 116 -6.21 -25.21 3.40
N ILE C 117 -6.93 -26.32 3.33
CA ILE C 117 -6.38 -27.61 3.72
C ILE C 117 -6.52 -28.62 2.60
N GLY C 118 -5.41 -29.20 2.19
CA GLY C 118 -5.42 -30.22 1.15
C GLY C 118 -4.57 -31.41 1.54
N LYS C 119 -4.93 -32.57 1.01
CA LYS C 119 -4.11 -33.76 1.21
C LYS C 119 -3.10 -33.87 0.08
N ASP C 120 -1.87 -34.23 0.43
CA ASP C 120 -0.81 -34.39 -0.56
C ASP C 120 -0.65 -35.86 -0.90
N GLN C 121 0.03 -36.15 -2.00
CA GLN C 121 0.25 -37.53 -2.39
C GLN C 121 1.24 -38.18 -1.45
N SER C 122 1.08 -39.48 -1.23
CA SER C 122 1.90 -40.21 -0.27
C SER C 122 1.98 -41.69 -0.63
N ALA D 2 32.98 1.05 -36.20
CA ALA D 2 32.91 1.71 -34.90
C ALA D 2 31.45 1.88 -34.48
N TRP D 3 31.23 1.92 -33.16
CA TRP D 3 29.89 2.05 -32.62
C TRP D 3 29.82 3.21 -31.63
N LYS D 4 28.69 3.90 -31.61
CA LYS D 4 28.48 5.01 -30.70
C LYS D 4 27.01 5.10 -30.30
N GLY D 5 26.75 5.05 -28.99
CA GLY D 5 25.39 5.11 -28.50
C GLY D 5 25.31 5.28 -27.00
N GLU D 6 24.08 5.25 -26.48
CA GLU D 6 23.85 5.40 -25.04
C GLU D 6 23.69 4.06 -24.36
N VAL D 7 24.02 4.01 -23.08
CA VAL D 7 23.80 2.82 -22.26
C VAL D 7 22.97 3.20 -21.04
N LEU D 8 21.67 3.00 -21.14
CA LEU D 8 20.76 3.34 -20.03
C LEU D 8 21.06 2.48 -18.81
N ALA D 9 21.07 3.12 -17.65
CA ALA D 9 21.36 2.44 -16.40
C ALA D 9 20.31 1.38 -16.05
N ASN D 10 19.08 1.59 -16.51
CA ASN D 10 17.98 0.67 -16.21
C ASN D 10 17.89 -0.49 -17.20
N ASN D 11 18.86 -0.58 -18.10
CA ASN D 11 18.87 -1.64 -19.11
C ASN D 11 19.55 -2.90 -18.59
N GLU D 12 18.79 -3.75 -17.91
CA GLU D 12 19.34 -4.97 -17.32
C GLU D 12 19.88 -5.94 -18.37
N ALA D 13 19.17 -6.06 -19.48
CA ALA D 13 19.59 -6.94 -20.56
C ALA D 13 20.89 -6.46 -21.20
N GLY D 14 21.14 -5.16 -21.08
CA GLY D 14 22.35 -4.57 -21.62
C GLY D 14 22.16 -4.01 -23.02
N GLN D 15 23.04 -3.10 -23.41
CA GLN D 15 22.99 -2.50 -24.74
C GLN D 15 23.89 -3.26 -25.69
N VAL D 16 23.29 -3.86 -26.72
CA VAL D 16 24.07 -4.55 -27.74
C VAL D 16 24.67 -3.55 -28.73
N THR D 17 25.96 -3.70 -29.00
CA THR D 17 26.65 -2.83 -29.95
C THR D 17 26.82 -3.55 -31.28
N SER D 18 27.27 -2.82 -32.29
CA SER D 18 27.54 -3.41 -33.60
C SER D 18 28.95 -3.98 -33.67
N ILE D 19 29.67 -3.86 -32.55
CA ILE D 19 31.05 -4.32 -32.48
C ILE D 19 31.13 -5.82 -32.18
N ILE D 20 31.60 -6.59 -33.16
CA ILE D 20 31.82 -8.01 -32.96
C ILE D 20 33.29 -8.27 -32.72
N TYR D 21 33.69 -8.41 -31.46
CA TYR D 21 35.09 -8.63 -31.14
C TYR D 21 35.59 -9.96 -31.68
N ASN D 22 36.63 -9.90 -32.51
CA ASN D 22 37.22 -11.09 -33.10
C ASN D 22 38.63 -11.34 -32.55
N PRO D 23 39.07 -12.61 -32.57
CA PRO D 23 40.40 -12.96 -32.07
C PRO D 23 41.49 -12.07 -32.66
N GLY D 24 42.33 -11.51 -31.80
CA GLY D 24 43.42 -10.65 -32.25
C GLY D 24 43.05 -9.20 -32.35
N ASP D 25 41.77 -8.90 -32.16
CA ASP D 25 41.30 -7.51 -32.25
C ASP D 25 41.82 -6.65 -31.10
N VAL D 26 42.10 -5.39 -31.42
CA VAL D 26 42.46 -4.41 -30.42
C VAL D 26 41.38 -3.34 -30.44
N ILE D 27 40.77 -3.07 -29.29
CA ILE D 27 39.66 -2.14 -29.23
C ILE D 27 39.91 -1.00 -28.24
N THR D 28 39.27 0.14 -28.50
CA THR D 28 39.34 1.27 -27.59
C THR D 28 37.94 1.71 -27.22
N ILE D 29 37.70 1.85 -25.91
CA ILE D 29 36.40 2.27 -25.42
C ILE D 29 36.55 3.55 -24.61
N VAL D 30 35.70 4.53 -24.91
CA VAL D 30 35.64 5.75 -24.12
C VAL D 30 34.20 5.98 -23.69
N ALA D 31 33.96 6.01 -22.38
CA ALA D 31 32.63 6.19 -21.85
C ALA D 31 32.53 7.42 -20.97
N ALA D 32 31.42 8.15 -21.10
CA ALA D 32 31.17 9.34 -20.29
C ALA D 32 29.70 9.44 -19.93
N GLY D 33 29.38 10.33 -19.00
CA GLY D 33 28.00 10.55 -18.61
C GLY D 33 27.72 10.33 -17.13
N TRP D 34 26.49 10.57 -16.73
CA TRP D 34 26.09 10.42 -15.34
C TRP D 34 24.86 9.53 -15.20
N ALA D 35 24.97 8.51 -14.35
CA ALA D 35 23.89 7.56 -14.15
C ALA D 35 23.73 7.25 -12.66
N SER D 36 22.67 6.54 -12.32
CA SER D 36 22.41 6.20 -10.92
C SER D 36 21.76 4.83 -10.76
N TYR D 37 22.03 4.19 -9.63
CA TYR D 37 21.48 2.88 -9.33
C TYR D 37 20.36 2.97 -8.30
N GLY D 38 19.72 4.14 -8.21
CA GLY D 38 18.65 4.34 -7.25
C GLY D 38 18.63 5.72 -6.64
N PRO D 39 19.65 6.05 -5.83
CA PRO D 39 19.74 7.34 -5.15
C PRO D 39 19.62 8.52 -6.11
N THR D 40 19.17 9.66 -5.59
CA THR D 40 19.03 10.86 -6.42
C THR D 40 20.38 11.32 -6.96
N GLN D 41 21.45 10.95 -6.25
CA GLN D 41 22.80 11.28 -6.65
C GLN D 41 23.20 10.50 -7.91
N LYS D 42 24.12 11.06 -8.69
CA LYS D 42 24.58 10.40 -9.92
C LYS D 42 26.08 10.15 -9.88
N TRP D 43 26.52 9.07 -10.53
CA TRP D 43 27.92 8.71 -10.57
C TRP D 43 28.41 8.51 -12.01
N GLY D 44 29.72 8.48 -12.18
CA GLY D 44 30.32 8.29 -13.49
C GLY D 44 30.49 6.83 -13.86
N PRO D 45 31.13 6.58 -15.01
CA PRO D 45 31.36 5.23 -15.55
C PRO D 45 32.12 4.31 -14.59
N GLN D 46 32.72 4.88 -13.55
CA GLN D 46 33.45 4.08 -12.57
C GLN D 46 32.56 3.67 -11.40
N GLY D 47 31.35 4.21 -11.38
CA GLY D 47 30.38 3.85 -10.35
C GLY D 47 30.63 4.53 -9.02
N ASP D 48 30.07 3.92 -7.97
CA ASP D 48 30.15 4.46 -6.62
C ASP D 48 31.16 3.68 -5.79
N ARG D 49 32.31 4.29 -5.52
CA ARG D 49 33.38 3.63 -4.78
C ARG D 49 33.02 3.39 -3.32
N GLU D 50 31.97 4.05 -2.86
CA GLU D 50 31.55 3.94 -1.46
C GLU D 50 30.47 2.88 -1.26
N HIS D 51 29.89 2.40 -2.35
CA HIS D 51 28.78 1.46 -2.28
C HIS D 51 29.26 0.01 -2.16
N PRO D 52 28.70 -0.73 -1.20
CA PRO D 52 29.08 -2.13 -0.98
C PRO D 52 28.50 -3.06 -2.05
N ASP D 53 29.29 -4.04 -2.47
CA ASP D 53 28.82 -5.04 -3.42
C ASP D 53 27.91 -6.04 -2.73
N GLN D 54 26.65 -6.09 -3.15
CA GLN D 54 25.67 -6.97 -2.53
C GLN D 54 24.94 -7.80 -3.58
N GLY D 55 25.69 -8.33 -4.54
CA GLY D 55 25.14 -9.17 -5.59
C GLY D 55 25.24 -8.54 -6.98
N LEU D 56 26.27 -7.74 -7.18
CA LEU D 56 26.47 -7.09 -8.47
C LEU D 56 26.81 -8.09 -9.56
N ILE D 57 26.37 -7.82 -10.79
CA ILE D 57 26.64 -8.72 -11.90
C ILE D 57 28.12 -8.78 -12.22
N CYS D 58 28.87 -7.80 -11.74
CA CYS D 58 30.32 -7.78 -11.89
C CYS D 58 30.98 -7.44 -10.57
N HIS D 59 31.63 -8.42 -9.96
CA HIS D 59 32.27 -8.23 -8.65
C HIS D 59 33.63 -7.57 -8.78
N ASP D 60 34.05 -7.32 -10.02
CA ASP D 60 35.34 -6.68 -10.27
C ASP D 60 35.19 -5.18 -10.52
N ALA D 61 33.99 -4.66 -10.32
CA ALA D 61 33.73 -3.25 -10.52
C ALA D 61 32.75 -2.71 -9.48
N PHE D 62 32.72 -1.39 -9.32
CA PHE D 62 31.83 -0.76 -8.37
C PHE D 62 30.40 -0.72 -8.90
N CYS D 63 29.44 -0.71 -7.98
CA CYS D 63 28.04 -0.55 -8.35
C CYS D 63 27.86 0.76 -9.09
N GLY D 64 27.22 0.69 -10.26
CA GLY D 64 26.99 1.88 -11.06
C GLY D 64 28.09 2.11 -12.10
N ALA D 65 29.01 1.16 -12.19
CA ALA D 65 30.09 1.26 -13.18
C ALA D 65 29.71 0.57 -14.48
N LEU D 66 30.39 0.94 -15.56
CA LEU D 66 30.13 0.33 -16.85
C LEU D 66 30.91 -0.97 -17.02
N VAL D 67 30.22 -2.03 -17.40
CA VAL D 67 30.85 -3.30 -17.68
C VAL D 67 30.40 -3.79 -19.05
N MET D 68 30.95 -4.92 -19.49
CA MET D 68 30.61 -5.46 -20.80
C MET D 68 30.69 -6.98 -20.84
N LYS D 69 29.96 -7.56 -21.79
CA LYS D 69 30.11 -8.97 -22.11
C LYS D 69 30.56 -9.10 -23.57
N ILE D 70 31.47 -10.02 -23.82
CA ILE D 70 31.89 -10.31 -25.18
C ILE D 70 31.43 -11.71 -25.54
N GLY D 71 30.48 -11.79 -26.47
CA GLY D 71 29.82 -13.05 -26.76
C GLY D 71 28.99 -13.44 -25.54
N ASN D 72 29.11 -14.70 -25.12
CA ASN D 72 28.43 -15.15 -23.92
C ASN D 72 29.41 -15.31 -22.76
N SER D 73 30.32 -14.34 -22.62
CA SER D 73 31.31 -14.37 -21.56
C SER D 73 30.79 -13.72 -20.29
N GLY D 74 31.58 -13.81 -19.22
CA GLY D 74 31.24 -13.17 -17.97
C GLY D 74 31.43 -11.66 -18.06
N THR D 75 31.00 -10.95 -17.03
CA THR D 75 31.11 -9.49 -17.02
C THR D 75 32.57 -9.04 -16.96
N ILE D 76 32.89 -8.03 -17.75
CA ILE D 76 34.23 -7.46 -17.76
C ILE D 76 34.16 -5.96 -17.50
N PRO D 77 34.95 -5.48 -16.53
CA PRO D 77 34.95 -4.06 -16.16
C PRO D 77 35.39 -3.17 -17.31
N VAL D 78 34.63 -2.11 -17.58
CA VAL D 78 34.99 -1.14 -18.59
C VAL D 78 35.33 0.20 -17.95
N ASN D 79 34.48 0.63 -17.01
CA ASN D 79 34.68 1.90 -16.32
C ASN D 79 34.73 3.08 -17.29
N THR D 80 35.74 3.93 -17.15
CA THR D 80 35.87 5.10 -18.02
C THR D 80 36.21 4.69 -19.45
N GLY D 81 36.73 3.49 -19.62
CA GLY D 81 37.03 2.98 -20.94
C GLY D 81 38.25 2.09 -21.00
N LEU D 82 38.56 1.60 -22.20
CA LEU D 82 39.71 0.74 -22.41
C LEU D 82 40.58 1.31 -23.53
N PHE D 83 41.89 1.34 -23.31
CA PHE D 83 42.81 1.90 -24.30
C PHE D 83 43.58 0.80 -25.01
N ARG D 84 43.29 0.62 -26.31
CA ARG D 84 43.95 -0.39 -27.11
C ARG D 84 44.02 -1.70 -26.34
N TRP D 85 42.83 -2.26 -26.09
CA TRP D 85 42.66 -3.40 -25.20
C TRP D 85 42.49 -4.68 -25.99
N VAL D 86 43.06 -5.77 -25.46
CA VAL D 86 42.92 -7.08 -26.08
C VAL D 86 42.23 -8.04 -25.12
N ALA D 87 41.25 -8.78 -25.64
CA ALA D 87 40.49 -9.71 -24.81
C ALA D 87 41.29 -10.97 -24.49
N PRO D 88 40.95 -11.63 -23.38
CA PRO D 88 41.57 -12.91 -23.01
C PRO D 88 41.32 -13.98 -24.07
N ASN D 89 42.10 -15.06 -24.02
CA ASN D 89 41.97 -16.13 -25.00
C ASN D 89 40.56 -16.74 -25.01
N ASN D 90 40.11 -17.15 -26.19
CA ASN D 90 38.81 -17.79 -26.34
C ASN D 90 37.65 -16.87 -26.00
N VAL D 91 37.91 -15.56 -25.99
CA VAL D 91 36.85 -14.58 -25.75
C VAL D 91 36.53 -13.83 -27.04
N GLN D 92 35.29 -13.97 -27.50
CA GLN D 92 34.88 -13.35 -28.76
C GLN D 92 33.36 -13.27 -28.87
N GLY D 93 32.88 -12.46 -29.81
CA GLY D 93 31.46 -12.29 -30.01
C GLY D 93 31.05 -10.83 -29.89
N ALA D 94 29.75 -10.57 -30.07
CA ALA D 94 29.21 -9.23 -29.98
C ALA D 94 29.47 -8.62 -28.60
N ILE D 95 29.72 -7.31 -28.58
CA ILE D 95 29.95 -6.61 -27.32
C ILE D 95 28.66 -6.03 -26.78
N THR D 96 28.33 -6.38 -25.54
CA THR D 96 27.15 -5.86 -24.86
C THR D 96 27.57 -5.02 -23.66
N LEU D 97 27.20 -3.74 -23.68
CA LEU D 97 27.50 -2.84 -22.59
C LEU D 97 26.41 -2.91 -21.52
N ILE D 98 26.81 -3.04 -20.27
CA ILE D 98 25.85 -3.20 -19.18
C ILE D 98 26.19 -2.32 -17.98
N TYR D 99 25.16 -1.68 -17.43
CA TYR D 99 25.30 -0.92 -16.20
C TYR D 99 25.42 -1.90 -15.03
N ASN D 100 26.48 -1.75 -14.23
CA ASN D 100 26.74 -2.69 -13.15
C ASN D 100 25.77 -2.51 -11.98
N ASP D 101 24.91 -3.50 -11.79
CA ASP D 101 23.90 -3.45 -10.73
C ASP D 101 23.51 -4.86 -10.29
N VAL D 102 22.72 -4.94 -9.23
CA VAL D 102 22.22 -6.22 -8.75
C VAL D 102 21.01 -6.66 -9.57
N PRO D 103 21.03 -7.91 -10.06
CA PRO D 103 19.95 -8.44 -10.88
C PRO D 103 18.57 -8.19 -10.26
N GLY D 104 17.66 -7.63 -11.04
CA GLY D 104 16.30 -7.40 -10.58
C GLY D 104 16.05 -6.04 -9.95
N THR D 105 17.11 -5.24 -9.83
CA THR D 105 16.98 -3.94 -9.18
C THR D 105 17.09 -2.77 -10.17
N TYR D 106 17.37 -3.08 -11.43
CA TYR D 106 17.55 -2.06 -12.45
C TYR D 106 16.37 -1.08 -12.59
N GLY D 107 15.21 -1.49 -12.08
CA GLY D 107 13.99 -0.72 -12.23
C GLY D 107 14.04 0.73 -11.82
N ASN D 108 14.77 1.03 -10.74
CA ASN D 108 14.83 2.39 -10.22
C ASN D 108 16.08 3.14 -10.67
N ASN D 109 16.75 2.62 -11.69
CA ASN D 109 17.93 3.27 -12.25
C ASN D 109 17.55 4.46 -13.13
N SER D 110 18.49 5.38 -13.32
CA SER D 110 18.26 6.54 -14.16
C SER D 110 19.57 7.03 -14.77
N GLY D 111 19.46 7.90 -15.78
CA GLY D 111 20.61 8.41 -16.48
C GLY D 111 21.20 7.36 -17.42
N SER D 112 22.37 7.65 -17.97
CA SER D 112 23.01 6.73 -18.90
C SER D 112 24.45 7.12 -19.19
N PHE D 113 25.16 6.25 -19.91
CA PHE D 113 26.51 6.53 -20.34
C PHE D 113 26.57 6.56 -21.86
N SER D 114 27.14 7.63 -22.41
CA SER D 114 27.41 7.67 -23.84
C SER D 114 28.76 6.99 -24.08
N VAL D 115 28.77 5.97 -24.92
CA VAL D 115 29.97 5.16 -25.11
C VAL D 115 30.44 5.12 -26.55
N ASN D 116 31.74 5.24 -26.75
CA ASN D 116 32.35 5.06 -28.06
C ASN D 116 33.21 3.80 -28.09
N ILE D 117 33.03 3.00 -29.13
CA ILE D 117 33.85 1.80 -29.32
C ILE D 117 34.37 1.73 -30.75
N GLY D 118 35.69 1.60 -30.88
CA GLY D 118 36.31 1.45 -32.17
C GLY D 118 37.41 0.43 -32.14
N LYS D 119 37.58 -0.31 -33.23
CA LYS D 119 38.69 -1.25 -33.34
C LYS D 119 39.93 -0.48 -33.77
N ASP D 120 41.08 -0.86 -33.19
CA ASP D 120 42.34 -0.19 -33.47
C ASP D 120 43.15 -0.94 -34.52
N GLN D 121 44.19 -0.31 -35.05
CA GLN D 121 45.03 -0.95 -36.05
C GLN D 121 45.77 -2.13 -35.44
N SER D 122 45.88 -3.21 -36.21
CA SER D 122 46.57 -4.42 -35.74
C SER D 122 46.97 -5.30 -36.92
N ALA E 2 -32.08 -20.02 -11.22
CA ALA E 2 -31.52 -18.88 -10.49
C ALA E 2 -32.60 -17.99 -9.86
N TRP E 3 -32.24 -17.30 -8.78
CA TRP E 3 -33.19 -16.43 -8.09
C TRP E 3 -32.72 -14.98 -8.06
N LYS E 4 -33.67 -14.06 -8.21
CA LYS E 4 -33.38 -12.64 -8.10
C LYS E 4 -34.51 -11.95 -7.34
N GLY E 5 -34.15 -11.11 -6.38
CA GLY E 5 -35.14 -10.41 -5.60
C GLY E 5 -34.58 -9.36 -4.66
N GLU E 6 -35.48 -8.67 -3.95
CA GLU E 6 -35.09 -7.61 -3.04
C GLU E 6 -35.15 -8.09 -1.59
N VAL E 7 -34.18 -7.65 -0.80
CA VAL E 7 -34.15 -7.96 0.62
C VAL E 7 -34.30 -6.67 1.43
N LEU E 8 -35.49 -6.43 1.95
CA LEU E 8 -35.77 -5.20 2.68
C LEU E 8 -35.12 -5.20 4.07
N ALA E 9 -34.51 -4.07 4.42
CA ALA E 9 -33.78 -3.94 5.67
C ALA E 9 -34.68 -4.14 6.90
N ASN E 10 -35.97 -3.78 6.76
CA ASN E 10 -36.90 -3.87 7.89
C ASN E 10 -37.60 -5.23 7.99
N ASN E 11 -37.25 -6.14 7.08
CA ASN E 11 -37.84 -7.47 7.10
C ASN E 11 -37.11 -8.39 8.07
N GLU E 12 -37.55 -8.39 9.32
CA GLU E 12 -36.88 -9.15 10.37
C GLU E 12 -36.97 -10.66 10.14
N ALA E 13 -38.07 -11.09 9.51
CA ALA E 13 -38.26 -12.51 9.21
C ALA E 13 -37.32 -12.98 8.12
N GLY E 14 -36.76 -12.03 7.37
CA GLY E 14 -35.87 -12.35 6.27
C GLY E 14 -36.60 -12.64 4.98
N GLN E 15 -35.88 -12.65 3.87
CA GLN E 15 -36.46 -12.93 2.57
C GLN E 15 -36.11 -14.34 2.13
N VAL E 16 -37.13 -15.18 1.96
CA VAL E 16 -36.92 -16.54 1.50
C VAL E 16 -36.75 -16.57 -0.01
N THR E 17 -35.75 -17.32 -0.48
CA THR E 17 -35.50 -17.44 -1.91
C THR E 17 -36.00 -18.79 -2.43
N SER E 18 -36.00 -18.95 -3.74
CA SER E 18 -36.43 -20.21 -4.35
C SER E 18 -35.24 -21.14 -4.54
N ILE E 19 -34.10 -20.77 -3.97
CA ILE E 19 -32.90 -21.59 -4.07
C ILE E 19 -32.77 -22.58 -2.92
N ILE E 20 -32.89 -23.86 -3.23
CA ILE E 20 -32.67 -24.91 -2.26
C ILE E 20 -31.23 -25.41 -2.38
N TYR E 21 -30.42 -25.14 -1.36
CA TYR E 21 -29.04 -25.62 -1.37
C TYR E 21 -28.96 -27.09 -1.01
N ASN E 22 -28.36 -27.89 -1.89
CA ASN E 22 -28.21 -29.31 -1.67
C ASN E 22 -26.73 -29.67 -1.52
N PRO E 23 -26.45 -30.83 -0.92
CA PRO E 23 -25.07 -31.28 -0.70
C PRO E 23 -24.24 -31.26 -1.99
N GLY E 24 -23.09 -30.60 -1.94
CA GLY E 24 -22.19 -30.55 -3.08
C GLY E 24 -22.42 -29.35 -3.99
N ASP E 25 -23.51 -28.64 -3.75
CA ASP E 25 -23.86 -27.48 -4.56
C ASP E 25 -22.80 -26.39 -4.49
N VAL E 26 -22.55 -25.76 -5.63
CA VAL E 26 -21.71 -24.58 -5.71
C VAL E 26 -22.59 -23.40 -6.10
N ILE E 27 -22.55 -22.33 -5.31
CA ILE E 27 -23.43 -21.19 -5.55
C ILE E 27 -22.67 -19.88 -5.67
N THR E 28 -23.29 -18.92 -6.34
CA THR E 28 -22.73 -17.58 -6.45
C THR E 28 -23.80 -16.54 -6.12
N ILE E 29 -23.46 -15.63 -5.22
CA ILE E 29 -24.38 -14.57 -4.82
C ILE E 29 -23.78 -13.20 -5.10
N VAL E 30 -24.58 -12.30 -5.63
CA VAL E 30 -24.16 -10.92 -5.85
C VAL E 30 -25.19 -9.98 -5.24
N ALA E 31 -24.76 -9.19 -4.27
CA ALA E 31 -25.67 -8.28 -3.57
C ALA E 31 -25.27 -6.83 -3.78
N ALA E 32 -26.28 -5.98 -4.00
CA ALA E 32 -26.05 -4.55 -4.19
C ALA E 32 -27.18 -3.74 -3.57
N GLY E 33 -26.94 -2.44 -3.41
CA GLY E 33 -27.98 -1.55 -2.90
C GLY E 33 -27.57 -0.79 -1.66
N TRP E 34 -28.49 0.04 -1.16
CA TRP E 34 -28.24 0.85 0.01
C TRP E 34 -29.36 0.72 1.03
N ALA E 35 -29.00 0.52 2.29
CA ALA E 35 -29.99 0.38 3.35
C ALA E 35 -29.44 0.95 4.67
N SER E 36 -30.33 1.12 5.64
CA SER E 36 -29.93 1.64 6.94
C SER E 36 -30.59 0.89 8.08
N TYR E 37 -29.91 0.87 9.23
CA TYR E 37 -30.44 0.26 10.44
C TYR E 37 -30.96 1.34 11.38
N GLY E 38 -31.38 2.46 10.81
CA GLY E 38 -31.89 3.57 11.61
C GLY E 38 -31.42 4.94 11.16
N PRO E 39 -30.10 5.19 11.25
CA PRO E 39 -29.52 6.48 10.88
C PRO E 39 -29.95 6.95 9.49
N THR E 40 -29.82 8.25 9.24
CA THR E 40 -30.15 8.79 7.93
C THR E 40 -29.16 8.31 6.88
N GLN E 41 -27.92 8.09 7.31
CA GLN E 41 -26.87 7.55 6.46
C GLN E 41 -27.25 6.15 5.97
N LYS E 42 -26.73 5.77 4.81
CA LYS E 42 -26.98 4.43 4.26
C LYS E 42 -25.68 3.70 3.97
N TRP E 43 -25.70 2.38 4.14
CA TRP E 43 -24.53 1.55 3.90
C TRP E 43 -24.81 0.46 2.88
N GLY E 44 -23.75 -0.11 2.32
CA GLY E 44 -23.88 -1.17 1.34
C GLY E 44 -24.04 -2.53 2.00
N PRO E 45 -23.98 -3.61 1.21
CA PRO E 45 -24.16 -5.00 1.64
C PRO E 45 -23.17 -5.42 2.73
N GLN E 46 -22.10 -4.66 2.91
CA GLN E 46 -21.11 -4.99 3.92
C GLN E 46 -21.43 -4.35 5.26
N GLY E 47 -22.39 -3.42 5.26
CA GLY E 47 -22.85 -2.79 6.48
C GLY E 47 -21.97 -1.66 6.97
N ASP E 48 -22.02 -1.41 8.28
CA ASP E 48 -21.30 -0.31 8.90
C ASP E 48 -20.09 -0.82 9.67
N ARG E 49 -18.90 -0.59 9.13
CA ARG E 49 -17.67 -1.07 9.74
C ARG E 49 -17.31 -0.31 11.02
N GLU E 50 -17.96 0.82 11.24
CA GLU E 50 -17.68 1.67 12.40
C GLU E 50 -18.70 1.48 13.52
N HIS E 51 -19.69 0.63 13.29
CA HIS E 51 -20.75 0.42 14.26
C HIS E 51 -20.43 -0.75 15.18
N PRO E 52 -20.69 -0.60 16.49
CA PRO E 52 -20.46 -1.67 17.46
C PRO E 52 -21.56 -2.72 17.43
N ASP E 53 -21.19 -3.97 17.71
CA ASP E 53 -22.16 -5.06 17.77
C ASP E 53 -22.95 -4.98 19.07
N GLN E 54 -24.24 -4.68 18.96
CA GLN E 54 -25.09 -4.55 20.14
C GLN E 54 -26.09 -5.71 20.25
N GLY E 55 -25.72 -6.86 19.69
CA GLY E 55 -26.56 -8.04 19.75
C GLY E 55 -27.17 -8.40 18.40
N LEU E 56 -26.36 -8.28 17.35
CA LEU E 56 -26.81 -8.61 16.00
C LEU E 56 -27.15 -10.09 15.87
N ILE E 57 -27.96 -10.43 14.87
CA ILE E 57 -28.29 -11.83 14.59
C ILE E 57 -27.08 -12.56 14.03
N CYS E 58 -26.09 -11.79 13.57
CA CYS E 58 -24.85 -12.38 13.07
C CYS E 58 -23.66 -11.55 13.55
N HIS E 59 -22.86 -12.14 14.43
CA HIS E 59 -21.70 -11.44 14.99
C HIS E 59 -20.54 -11.44 14.01
N ASP E 60 -20.66 -12.22 12.94
CA ASP E 60 -19.58 -12.38 11.97
C ASP E 60 -19.61 -11.30 10.88
N ALA E 61 -20.60 -10.41 10.97
CA ALA E 61 -20.73 -9.32 10.01
C ALA E 61 -21.13 -8.04 10.74
N PHE E 62 -20.86 -6.91 10.11
CA PHE E 62 -21.22 -5.62 10.69
C PHE E 62 -22.72 -5.39 10.63
N CYS E 63 -23.20 -4.48 11.48
CA CYS E 63 -24.60 -4.10 11.45
C CYS E 63 -24.93 -3.45 10.11
N GLY E 64 -26.01 -3.91 9.48
CA GLY E 64 -26.41 -3.38 8.20
C GLY E 64 -25.91 -4.22 7.03
N ALA E 65 -25.20 -5.29 7.36
CA ALA E 65 -24.65 -6.18 6.35
C ALA E 65 -25.66 -7.27 5.97
N LEU E 66 -25.49 -7.83 4.78
CA LEU E 66 -26.36 -8.90 4.32
C LEU E 66 -25.85 -10.25 4.81
N VAL E 67 -26.73 -11.01 5.44
CA VAL E 67 -26.40 -12.35 5.89
C VAL E 67 -27.48 -13.32 5.40
N MET E 68 -27.29 -14.60 5.66
CA MET E 68 -28.25 -15.60 5.20
C MET E 68 -28.36 -16.80 6.13
N LYS E 69 -29.40 -17.60 5.92
CA LYS E 69 -29.57 -18.87 6.61
C LYS E 69 -29.83 -19.95 5.58
N ILE E 70 -29.13 -21.07 5.69
CA ILE E 70 -29.38 -22.21 4.82
C ILE E 70 -30.13 -23.28 5.59
N GLY E 71 -31.41 -23.44 5.27
CA GLY E 71 -32.29 -24.28 6.06
C GLY E 71 -32.52 -23.60 7.40
N ASN E 72 -32.25 -24.32 8.49
CA ASN E 72 -32.35 -23.73 9.82
C ASN E 72 -30.98 -23.58 10.45
N SER E 73 -29.99 -23.26 9.64
CA SER E 73 -28.62 -23.08 10.13
C SER E 73 -28.48 -21.73 10.82
N GLY E 74 -27.34 -21.50 11.44
CA GLY E 74 -27.03 -20.21 12.02
C GLY E 74 -26.81 -19.19 10.93
N THR E 75 -26.78 -17.91 11.29
CA THR E 75 -26.57 -16.86 10.31
C THR E 75 -25.21 -16.99 9.64
N ILE E 76 -25.18 -16.73 8.34
CA ILE E 76 -23.94 -16.80 7.57
C ILE E 76 -23.71 -15.51 6.80
N PRO E 77 -22.53 -14.90 6.97
CA PRO E 77 -22.19 -13.65 6.28
C PRO E 77 -22.30 -13.80 4.76
N VAL E 78 -22.92 -12.82 4.11
CA VAL E 78 -22.97 -12.79 2.65
C VAL E 78 -22.24 -11.56 2.16
N ASN E 79 -22.53 -10.41 2.78
CA ASN E 79 -21.94 -9.14 2.38
C ASN E 79 -22.18 -8.85 0.91
N THR E 80 -21.13 -8.47 0.19
CA THR E 80 -21.25 -8.16 -1.22
C THR E 80 -21.65 -9.40 -2.03
N GLY E 81 -21.37 -10.57 -1.48
CA GLY E 81 -21.74 -11.82 -2.14
C GLY E 81 -20.74 -12.95 -1.92
N LEU E 82 -20.96 -14.04 -2.63
CA LEU E 82 -20.09 -15.22 -2.54
C LEU E 82 -19.81 -15.75 -3.93
N PHE E 83 -18.54 -16.02 -4.23
CA PHE E 83 -18.15 -16.50 -5.55
C PHE E 83 -17.88 -18.00 -5.56
N ARG E 84 -18.71 -18.74 -6.28
CA ARG E 84 -18.56 -20.19 -6.37
C ARG E 84 -18.26 -20.77 -5.01
N TRP E 85 -19.21 -20.59 -4.09
CA TRP E 85 -19.03 -20.90 -2.67
C TRP E 85 -19.69 -22.22 -2.30
N VAL E 86 -19.07 -22.95 -1.39
CA VAL E 86 -19.61 -24.22 -0.92
C VAL E 86 -19.90 -24.18 0.57
N ALA E 87 -21.10 -24.59 0.94
CA ALA E 87 -21.53 -24.58 2.34
C ALA E 87 -20.84 -25.69 3.14
N PRO E 88 -20.75 -25.50 4.47
CA PRO E 88 -20.18 -26.53 5.35
C PRO E 88 -21.00 -27.81 5.30
N ASN E 89 -20.48 -28.88 5.89
CA ASN E 89 -21.18 -30.16 5.90
C ASN E 89 -22.49 -30.08 6.69
N ASN E 90 -23.44 -30.93 6.31
CA ASN E 90 -24.73 -30.97 6.99
C ASN E 90 -25.48 -29.65 6.97
N VAL E 91 -25.13 -28.80 6.00
CA VAL E 91 -25.81 -27.53 5.82
C VAL E 91 -26.59 -27.52 4.50
N GLN E 92 -27.91 -27.59 4.60
CA GLN E 92 -28.76 -27.66 3.42
C GLN E 92 -30.12 -27.04 3.68
N GLY E 93 -30.91 -26.89 2.61
CA GLY E 93 -32.25 -26.34 2.73
C GLY E 93 -32.41 -25.04 1.97
N ALA E 94 -33.59 -24.44 2.09
CA ALA E 94 -33.88 -23.18 1.42
C ALA E 94 -32.98 -22.06 1.93
N ILE E 95 -32.65 -21.13 1.05
CA ILE E 95 -31.83 -19.99 1.42
C ILE E 95 -32.70 -18.80 1.80
N THR E 96 -32.46 -18.26 2.99
CA THR E 96 -33.16 -17.06 3.44
C THR E 96 -32.14 -15.93 3.65
N LEU E 97 -32.39 -14.79 3.02
CA LEU E 97 -31.49 -13.64 3.14
C LEU E 97 -32.04 -12.65 4.15
N ILE E 98 -31.18 -12.22 5.09
CA ILE E 98 -31.62 -11.31 6.14
C ILE E 98 -30.69 -10.11 6.28
N TYR E 99 -31.28 -8.96 6.61
CA TYR E 99 -30.52 -7.76 6.94
C TYR E 99 -29.98 -7.92 8.36
N ASN E 100 -28.69 -7.70 8.54
CA ASN E 100 -28.06 -7.89 9.84
C ASN E 100 -28.38 -6.77 10.82
N ASP E 101 -29.23 -7.06 11.79
CA ASP E 101 -29.61 -6.07 12.80
C ASP E 101 -29.93 -6.77 14.11
N VAL E 102 -30.13 -5.98 15.16
CA VAL E 102 -30.50 -6.53 16.47
C VAL E 102 -31.98 -6.89 16.51
N PRO E 103 -32.29 -8.13 16.90
CA PRO E 103 -33.67 -8.60 16.99
C PRO E 103 -34.57 -7.61 17.73
N GLY E 104 -35.65 -7.19 17.07
CA GLY E 104 -36.60 -6.27 17.68
C GLY E 104 -36.34 -4.81 17.40
N THR E 105 -35.42 -4.53 16.48
CA THR E 105 -35.10 -3.15 16.14
C THR E 105 -35.33 -2.82 14.67
N TYR E 106 -35.68 -3.83 13.88
CA TYR E 106 -35.88 -3.66 12.44
C TYR E 106 -36.91 -2.61 12.09
N GLY E 107 -37.75 -2.25 13.05
CA GLY E 107 -38.84 -1.31 12.84
C GLY E 107 -38.46 -0.04 12.10
N ASN E 108 -37.30 0.53 12.43
CA ASN E 108 -36.87 1.78 11.83
C ASN E 108 -35.84 1.61 10.71
N ASN E 109 -35.80 0.41 10.13
CA ASN E 109 -34.91 0.16 9.00
C ASN E 109 -35.49 0.69 7.70
N SER E 110 -34.60 1.05 6.77
CA SER E 110 -35.02 1.55 5.47
C SER E 110 -34.07 1.08 4.38
N GLY E 111 -34.54 1.08 3.14
CA GLY E 111 -33.72 0.63 2.02
C GLY E 111 -33.79 -0.87 1.85
N SER E 112 -32.97 -1.40 0.95
CA SER E 112 -32.97 -2.82 0.67
C SER E 112 -31.76 -3.21 -0.19
N PHE E 113 -31.61 -4.50 -0.43
CA PHE E 113 -30.55 -5.00 -1.29
C PHE E 113 -31.13 -5.85 -2.42
N SER E 114 -30.75 -5.53 -3.66
CA SER E 114 -31.10 -6.38 -4.78
C SER E 114 -30.06 -7.48 -4.87
N VAL E 115 -30.52 -8.73 -4.84
CA VAL E 115 -29.61 -9.87 -4.75
C VAL E 115 -29.88 -10.94 -5.82
N ASN E 116 -28.80 -11.38 -6.46
CA ASN E 116 -28.88 -12.49 -7.39
C ASN E 116 -28.22 -13.74 -6.82
N ILE E 117 -28.93 -14.86 -6.87
CA ILE E 117 -28.38 -16.13 -6.42
C ILE E 117 -28.55 -17.19 -7.50
N GLY E 118 -27.45 -17.84 -7.87
CA GLY E 118 -27.49 -18.89 -8.86
C GLY E 118 -26.57 -20.03 -8.50
N LYS E 119 -26.85 -21.20 -9.07
CA LYS E 119 -25.99 -22.36 -8.88
C LYS E 119 -25.00 -22.45 -10.02
N ASP E 120 -23.75 -22.78 -9.70
CA ASP E 120 -22.70 -22.93 -10.70
C ASP E 120 -22.58 -24.41 -11.07
N GLN E 121 -21.78 -24.69 -12.10
CA GLN E 121 -21.57 -26.08 -12.51
C GLN E 121 -20.83 -26.85 -11.42
N SER E 122 -21.23 -28.10 -11.22
CA SER E 122 -20.64 -28.95 -10.18
C SER E 122 -19.95 -30.16 -10.79
N ALA F 2 -10.72 -18.12 -14.80
CA ALA F 2 -11.13 -17.50 -13.55
C ALA F 2 -9.97 -16.73 -12.95
N TRP F 3 -10.24 -15.50 -12.52
CA TRP F 3 -9.19 -14.64 -11.96
C TRP F 3 -9.52 -14.23 -10.53
N LYS F 4 -8.49 -14.19 -9.69
CA LYS F 4 -8.64 -13.72 -8.32
C LYS F 4 -7.46 -12.86 -7.92
N GLY F 5 -7.74 -11.68 -7.37
CA GLY F 5 -6.69 -10.78 -6.93
C GLY F 5 -7.22 -9.53 -6.26
N GLU F 6 -6.29 -8.68 -5.83
CA GLU F 6 -6.65 -7.42 -5.19
C GLU F 6 -6.60 -6.27 -6.19
N VAL F 7 -7.44 -5.27 -5.96
CA VAL F 7 -7.42 -4.05 -6.75
C VAL F 7 -7.10 -2.88 -5.83
N LEU F 8 -5.86 -2.40 -5.90
CA LEU F 8 -5.43 -1.30 -5.03
C LEU F 8 -6.11 0.01 -5.38
N ALA F 9 -6.47 0.76 -4.35
CA ALA F 9 -7.12 2.05 -4.52
C ALA F 9 -6.16 3.09 -5.11
N ASN F 10 -4.87 2.95 -4.79
CA ASN F 10 -3.88 3.91 -5.26
C ASN F 10 -3.31 3.56 -6.64
N ASN F 11 -3.87 2.54 -7.27
CA ASN F 11 -3.43 2.10 -8.58
C ASN F 11 -4.19 2.81 -9.70
N GLU F 12 -3.61 3.87 -10.23
CA GLU F 12 -4.26 4.67 -11.26
C GLU F 12 -4.26 3.95 -12.61
N ALA F 13 -3.22 3.15 -12.85
CA ALA F 13 -3.10 2.41 -14.10
C ALA F 13 -4.17 1.34 -14.20
N GLY F 14 -4.63 0.86 -13.04
CA GLY F 14 -5.63 -0.19 -13.01
C GLY F 14 -5.00 -1.57 -12.84
N GLN F 15 -5.78 -2.52 -12.35
CA GLN F 15 -5.30 -3.88 -12.16
C GLN F 15 -5.72 -4.78 -13.32
N VAL F 16 -4.76 -5.15 -14.16
CA VAL F 16 -5.03 -6.04 -15.29
C VAL F 16 -5.30 -7.45 -14.79
N THR F 17 -6.35 -8.07 -15.31
CA THR F 17 -6.69 -9.44 -14.93
C THR F 17 -6.34 -10.40 -16.06
N SER F 18 -6.42 -11.71 -15.77
CA SER F 18 -6.14 -12.73 -16.76
C SER F 18 -7.40 -13.05 -17.58
N ILE F 19 -8.45 -12.26 -17.35
CA ILE F 19 -9.70 -12.46 -18.06
C ILE F 19 -9.73 -11.67 -19.36
N ILE F 20 -9.89 -12.38 -20.48
CA ILE F 20 -10.03 -11.73 -21.78
C ILE F 20 -11.47 -11.84 -22.24
N TYR F 21 -12.25 -10.79 -22.05
CA TYR F 21 -13.66 -10.83 -22.45
C TYR F 21 -13.82 -10.83 -23.96
N ASN F 22 -14.54 -11.81 -24.47
CA ASN F 22 -14.79 -11.94 -25.90
C ASN F 22 -16.28 -11.87 -26.21
N PRO F 23 -16.63 -11.50 -27.44
CA PRO F 23 -18.04 -11.36 -27.85
C PRO F 23 -18.85 -12.60 -27.51
N GLY F 24 -19.94 -12.40 -26.75
CA GLY F 24 -20.82 -13.49 -26.38
C GLY F 24 -20.52 -14.07 -25.02
N ASP F 25 -19.42 -13.62 -24.42
CA ASP F 25 -19.02 -14.10 -23.10
C ASP F 25 -19.99 -13.66 -22.01
N VAL F 26 -20.27 -14.57 -21.09
CA VAL F 26 -21.05 -14.26 -19.90
C VAL F 26 -20.12 -14.34 -18.70
N ILE F 27 -19.99 -13.24 -17.96
CA ILE F 27 -19.07 -13.19 -16.84
C ILE F 27 -19.76 -12.90 -15.53
N THR F 28 -19.11 -13.27 -14.42
CA THR F 28 -19.61 -12.98 -13.09
C THR F 28 -18.50 -12.37 -12.24
N ILE F 29 -18.81 -11.27 -11.58
CA ILE F 29 -17.84 -10.57 -10.75
C ILE F 29 -18.35 -10.38 -9.32
N VAL F 30 -17.48 -10.64 -8.35
CA VAL F 30 -17.79 -10.39 -6.96
C VAL F 30 -16.67 -9.59 -6.31
N ALA F 31 -17.00 -8.39 -5.84
CA ALA F 31 -16.01 -7.51 -5.24
C ALA F 31 -16.32 -7.22 -3.78
N ALA F 32 -15.31 -7.32 -2.93
CA ALA F 32 -15.46 -7.05 -1.50
C ALA F 32 -14.22 -6.35 -0.94
N GLY F 33 -14.35 -5.81 0.26
CA GLY F 33 -13.23 -5.14 0.91
C GLY F 33 -13.50 -3.68 1.22
N TRP F 34 -12.52 -3.02 1.82
CA TRP F 34 -12.65 -1.62 2.19
C TRP F 34 -11.50 -0.79 1.65
N ALA F 35 -11.83 0.33 1.03
CA ALA F 35 -10.82 1.21 0.44
C ALA F 35 -11.19 2.67 0.62
N SER F 36 -10.27 3.56 0.31
CA SER F 36 -10.50 4.99 0.50
C SER F 36 -9.81 5.83 -0.55
N TYR F 37 -10.40 6.99 -0.86
CA TYR F 37 -9.83 7.92 -1.82
C TYR F 37 -9.14 9.06 -1.11
N GLY F 38 -8.65 8.82 0.11
CA GLY F 38 -7.98 9.83 0.89
C GLY F 38 -8.25 9.78 2.37
N PRO F 39 -9.51 10.06 2.77
CA PRO F 39 -9.92 10.10 4.18
C PRO F 39 -9.63 8.80 4.92
N THR F 40 -9.49 8.89 6.24
CA THR F 40 -9.24 7.71 7.08
C THR F 40 -10.41 6.74 6.98
N GLN F 41 -11.61 7.29 6.74
CA GLN F 41 -12.81 6.49 6.56
C GLN F 41 -12.68 5.61 5.33
N LYS F 42 -13.29 4.44 5.35
CA LYS F 42 -13.24 3.52 4.21
C LYS F 42 -14.64 3.18 3.71
N TRP F 43 -14.75 2.90 2.42
CA TRP F 43 -16.03 2.55 1.82
C TRP F 43 -15.93 1.24 1.05
N GLY F 44 -17.09 0.64 0.76
CA GLY F 44 -17.13 -0.62 0.03
C GLY F 44 -17.01 -0.42 -1.46
N PRO F 45 -17.19 -1.50 -2.24
CA PRO F 45 -17.06 -1.48 -3.70
C PRO F 45 -18.06 -0.55 -4.39
N GLN F 46 -19.06 -0.08 -3.66
CA GLN F 46 -20.03 0.86 -4.23
C GLN F 46 -19.59 2.31 -4.03
N GLY F 47 -18.51 2.49 -3.28
CA GLY F 47 -17.96 3.82 -3.06
C GLY F 47 -18.73 4.65 -2.05
N ASP F 48 -18.47 5.96 -2.07
CA ASP F 48 -19.10 6.88 -1.13
C ASP F 48 -20.26 7.62 -1.78
N ARG F 49 -21.48 7.25 -1.38
CA ARG F 49 -22.70 7.79 -1.99
C ARG F 49 -22.94 9.26 -1.64
N GLU F 50 -22.13 9.80 -0.74
CA GLU F 50 -22.31 11.18 -0.30
C GLU F 50 -21.19 12.09 -0.81
N HIS F 51 -20.35 11.56 -1.68
CA HIS F 51 -19.23 12.33 -2.22
C HIS F 51 -19.57 12.92 -3.58
N PRO F 52 -19.22 14.20 -3.78
CA PRO F 52 -19.45 14.89 -5.05
C PRO F 52 -18.46 14.43 -6.13
N ASP F 53 -18.92 14.42 -7.37
CA ASP F 53 -18.07 14.07 -8.50
C ASP F 53 -17.18 15.25 -8.87
N GLN F 54 -15.88 15.11 -8.67
CA GLN F 54 -14.93 16.18 -8.99
C GLN F 54 -14.14 15.86 -10.25
N GLY F 55 -14.63 14.91 -11.05
CA GLY F 55 -13.98 14.52 -12.29
C GLY F 55 -13.55 13.07 -12.29
N LEU F 56 -14.42 12.20 -11.77
CA LEU F 56 -14.13 10.77 -11.70
C LEU F 56 -13.89 10.16 -13.08
N ILE F 57 -13.10 9.09 -13.12
CA ILE F 57 -12.86 8.37 -14.37
C ILE F 57 -14.13 7.67 -14.83
N CYS F 58 -15.10 7.58 -13.94
CA CYS F 58 -16.39 6.99 -14.25
C CYS F 58 -17.51 7.77 -13.58
N HIS F 59 -18.32 8.45 -14.38
CA HIS F 59 -19.40 9.29 -13.86
C HIS F 59 -20.66 8.48 -13.54
N ASP F 60 -20.65 7.20 -13.89
CA ASP F 60 -21.79 6.34 -13.61
C ASP F 60 -21.63 5.58 -12.30
N ALA F 61 -20.64 5.96 -11.52
CA ALA F 61 -20.40 5.31 -10.23
C ALA F 61 -19.86 6.31 -9.21
N PHE F 62 -20.06 6.00 -7.93
CA PHE F 62 -19.60 6.87 -6.86
C PHE F 62 -18.08 6.83 -6.73
N CYS F 63 -17.52 7.89 -6.15
CA CYS F 63 -16.10 7.93 -5.87
C CYS F 63 -15.75 6.83 -4.88
N GLY F 64 -14.76 6.02 -5.23
CA GLY F 64 -14.35 4.91 -4.38
C GLY F 64 -15.03 3.61 -4.76
N ALA F 65 -15.81 3.66 -5.84
CA ALA F 65 -16.48 2.46 -6.34
C ALA F 65 -15.56 1.69 -7.29
N LEU F 66 -15.80 0.39 -7.43
CA LEU F 66 -15.03 -0.42 -8.35
C LEU F 66 -15.60 -0.33 -9.76
N VAL F 67 -14.75 -0.03 -10.72
CA VAL F 67 -15.14 -0.02 -12.13
C VAL F 67 -14.16 -0.86 -12.93
N MET F 68 -14.41 -1.01 -14.22
CA MET F 68 -13.56 -1.81 -15.07
C MET F 68 -13.49 -1.28 -16.49
N LYS F 69 -12.55 -1.82 -17.25
CA LYS F 69 -12.48 -1.57 -18.68
C LYS F 69 -12.29 -2.89 -19.41
N ILE F 70 -13.03 -3.07 -20.51
CA ILE F 70 -12.84 -4.23 -21.36
C ILE F 70 -12.09 -3.79 -22.61
N GLY F 71 -10.83 -4.20 -22.71
CA GLY F 71 -9.97 -3.74 -23.79
C GLY F 71 -9.66 -2.27 -23.61
N ASN F 72 -10.00 -1.47 -24.61
CA ASN F 72 -9.77 -0.03 -24.56
C ASN F 72 -11.08 0.76 -24.45
N SER F 73 -12.08 0.15 -23.84
CA SER F 73 -13.39 0.76 -23.70
C SER F 73 -13.39 1.84 -22.63
N GLY F 74 -14.48 2.59 -22.54
CA GLY F 74 -14.67 3.53 -21.46
C GLY F 74 -14.90 2.78 -20.17
N THR F 75 -14.94 3.51 -19.06
CA THR F 75 -15.13 2.88 -17.76
C THR F 75 -16.54 2.28 -17.62
N ILE F 76 -16.61 1.13 -16.97
CA ILE F 76 -17.88 0.45 -16.74
C ILE F 76 -18.06 0.14 -15.26
N PRO F 77 -19.15 0.64 -14.66
CA PRO F 77 -19.43 0.42 -13.25
C PRO F 77 -19.49 -1.06 -12.90
N VAL F 78 -18.81 -1.45 -11.82
CA VAL F 78 -18.84 -2.83 -11.36
C VAL F 78 -19.47 -2.90 -9.97
N ASN F 79 -19.07 -1.96 -9.12
CA ASN F 79 -19.58 -1.90 -7.76
C ASN F 79 -19.36 -3.23 -7.03
N THR F 80 -20.41 -3.73 -6.39
CA THR F 80 -20.32 -4.99 -5.65
C THR F 80 -20.05 -6.16 -6.58
N GLY F 81 -20.46 -6.03 -7.84
CA GLY F 81 -20.19 -7.06 -8.82
C GLY F 81 -21.17 -7.08 -9.99
N LEU F 82 -21.12 -8.16 -10.76
CA LEU F 82 -22.02 -8.37 -11.89
C LEU F 82 -22.39 -9.84 -11.97
N PHE F 83 -23.68 -10.13 -12.12
CA PHE F 83 -24.15 -11.50 -12.14
C PHE F 83 -24.53 -11.94 -13.55
N ARG F 84 -23.75 -12.86 -14.11
CA ARG F 84 -23.97 -13.36 -15.46
C ARG F 84 -24.17 -12.20 -16.43
N TRP F 85 -23.16 -11.35 -16.49
CA TRP F 85 -23.22 -10.07 -17.20
C TRP F 85 -22.73 -10.22 -18.64
N VAL F 86 -23.36 -9.47 -19.54
CA VAL F 86 -22.93 -9.44 -20.93
C VAL F 86 -22.60 -8.00 -21.32
N ALA F 87 -21.44 -7.80 -21.94
CA ALA F 87 -20.99 -6.46 -22.31
C ALA F 87 -21.79 -5.91 -23.49
N PRO F 88 -21.74 -4.58 -23.67
CA PRO F 88 -22.35 -3.92 -24.84
C PRO F 88 -21.79 -4.47 -26.15
N ASN F 89 -22.32 -4.03 -27.28
CA ASN F 89 -21.92 -4.57 -28.58
C ASN F 89 -20.61 -4.02 -29.12
N ASN F 90 -19.71 -4.91 -29.51
CA ASN F 90 -18.43 -4.55 -30.12
C ASN F 90 -17.38 -4.05 -29.12
N VAL F 91 -17.30 -4.73 -27.97
CA VAL F 91 -16.26 -4.46 -27.00
C VAL F 91 -15.56 -5.76 -26.56
N GLN F 92 -14.23 -5.76 -26.63
CA GLN F 92 -13.46 -6.95 -26.29
C GLN F 92 -12.06 -6.58 -25.82
N GLY F 93 -11.38 -7.52 -25.19
CA GLY F 93 -10.04 -7.27 -24.67
C GLY F 93 -9.92 -7.64 -23.21
N ALA F 94 -8.71 -7.59 -22.69
CA ALA F 94 -8.46 -7.91 -21.29
C ALA F 94 -9.30 -7.04 -20.38
N ILE F 95 -9.72 -7.60 -19.25
CA ILE F 95 -10.49 -6.84 -18.27
C ILE F 95 -9.57 -6.19 -17.24
N THR F 96 -9.65 -4.87 -17.16
CA THR F 96 -8.85 -4.13 -16.18
C THR F 96 -9.76 -3.53 -15.12
N LEU F 97 -9.53 -3.91 -13.87
CA LEU F 97 -10.30 -3.37 -12.75
C LEU F 97 -9.64 -2.10 -12.22
N ILE F 98 -10.45 -1.09 -11.94
CA ILE F 98 -9.92 0.20 -11.50
C ILE F 98 -10.75 0.82 -10.38
N TYR F 99 -10.07 1.31 -9.36
CA TYR F 99 -10.69 2.09 -8.31
C TYR F 99 -11.12 3.44 -8.88
N ASN F 100 -12.38 3.80 -8.70
CA ASN F 100 -12.92 5.03 -9.28
C ASN F 100 -12.50 6.27 -8.51
N ASP F 101 -11.70 7.11 -9.14
CA ASP F 101 -11.20 8.32 -8.51
C ASP F 101 -10.97 9.40 -9.55
N VAL F 102 -10.48 10.55 -9.11
CA VAL F 102 -10.12 11.63 -10.03
C VAL F 102 -8.69 11.42 -10.51
N PRO F 103 -8.48 11.56 -11.83
CA PRO F 103 -7.14 11.37 -12.43
C PRO F 103 -6.08 12.23 -11.73
N GLY F 104 -5.01 11.59 -11.30
CA GLY F 104 -3.90 12.31 -10.68
C GLY F 104 -4.01 12.45 -9.18
N THR F 105 -5.05 11.86 -8.59
CA THR F 105 -5.24 11.96 -7.15
C THR F 105 -5.08 10.62 -6.44
N TYR F 106 -4.83 9.57 -7.20
CA TYR F 106 -4.70 8.22 -6.65
C TYR F 106 -3.58 8.10 -5.61
N GLY F 107 -2.72 9.11 -5.54
CA GLY F 107 -1.57 9.09 -4.66
C GLY F 107 -1.86 8.82 -3.20
N ASN F 108 -2.90 9.46 -2.66
CA ASN F 108 -3.19 9.35 -1.23
C ASN F 108 -4.23 8.27 -0.90
N ASN F 109 -4.55 7.43 -1.87
CA ASN F 109 -5.51 6.35 -1.67
C ASN F 109 -4.96 5.24 -0.79
N SER F 110 -5.85 4.47 -0.17
CA SER F 110 -5.45 3.37 0.67
C SER F 110 -6.49 2.25 0.64
N GLY F 111 -6.08 1.05 1.02
CA GLY F 111 -6.97 -0.09 1.02
C GLY F 111 -7.09 -0.72 -0.35
N SER F 112 -7.83 -1.82 -0.44
CA SER F 112 -7.98 -2.55 -1.69
C SER F 112 -9.29 -3.32 -1.74
N PHE F 113 -9.63 -3.80 -2.94
CA PHE F 113 -10.80 -4.63 -3.12
C PHE F 113 -10.39 -6.03 -3.57
N SER F 114 -10.82 -7.04 -2.83
CA SER F 114 -10.61 -8.42 -3.24
C SER F 114 -11.71 -8.79 -4.24
N VAL F 115 -11.32 -9.20 -5.43
CA VAL F 115 -12.27 -9.43 -6.50
C VAL F 115 -12.10 -10.79 -7.18
N ASN F 116 -13.22 -11.44 -7.45
CA ASN F 116 -13.25 -12.68 -8.21
C ASN F 116 -13.96 -12.50 -9.53
N ILE F 117 -13.33 -12.95 -10.61
CA ILE F 117 -13.95 -12.89 -11.93
C ILE F 117 -13.89 -14.26 -12.59
N GLY F 118 -15.02 -14.69 -13.13
CA GLY F 118 -15.10 -15.97 -13.81
C GLY F 118 -16.15 -15.93 -14.89
N LYS F 119 -15.91 -16.65 -15.99
CA LYS F 119 -16.87 -16.72 -17.08
C LYS F 119 -17.91 -17.80 -16.77
N ASP F 120 -19.17 -17.48 -17.05
CA ASP F 120 -20.25 -18.44 -16.87
C ASP F 120 -20.48 -19.22 -18.15
N GLN F 121 -21.33 -20.24 -18.10
CA GLN F 121 -21.62 -21.03 -19.29
C GLN F 121 -22.43 -20.22 -20.28
N SER F 122 -22.08 -20.32 -21.56
CA SER F 122 -22.72 -19.53 -22.60
C SER F 122 -23.15 -20.41 -23.78
N ALA G 2 11.04 21.27 42.83
CA ALA G 2 11.66 21.53 41.55
C ALA G 2 12.78 20.52 41.30
N TRP G 3 13.04 20.23 40.03
CA TRP G 3 14.04 19.25 39.66
C TRP G 3 15.00 19.76 38.59
N LYS G 4 16.28 19.51 38.78
CA LYS G 4 17.30 19.86 37.79
C LYS G 4 18.29 18.71 37.64
N GLY G 5 18.44 18.23 36.42
CA GLY G 5 19.35 17.13 36.15
C GLY G 5 19.74 17.01 34.68
N GLU G 6 20.40 15.93 34.34
CA GLU G 6 20.85 15.68 32.97
C GLU G 6 20.03 14.58 32.33
N VAL G 7 19.93 14.62 31.00
CA VAL G 7 19.26 13.58 30.25
C VAL G 7 20.17 13.11 29.11
N LEU G 8 20.86 12.00 29.33
CA LEU G 8 21.81 11.50 28.34
C LEU G 8 21.11 10.91 27.13
N ALA G 9 21.59 11.28 25.95
CA ALA G 9 20.98 10.84 24.70
C ALA G 9 21.11 9.33 24.51
N ASN G 10 22.15 8.74 25.07
CA ASN G 10 22.41 7.31 24.89
C ASN G 10 21.67 6.45 25.90
N ASN G 11 20.71 7.04 26.60
CA ASN G 11 19.92 6.34 27.59
C ASN G 11 18.50 6.09 27.10
N GLU G 12 18.25 4.89 26.61
CA GLU G 12 16.95 4.54 26.06
C GLU G 12 15.88 4.46 27.15
N ALA G 13 16.30 4.19 28.37
CA ALA G 13 15.38 4.10 29.49
C ALA G 13 14.93 5.49 29.93
N GLY G 14 15.69 6.50 29.55
CA GLY G 14 15.37 7.87 29.90
C GLY G 14 15.78 8.22 31.32
N GLN G 15 15.50 9.46 31.73
CA GLN G 15 15.86 9.92 33.07
C GLN G 15 14.61 10.24 33.89
N VAL G 16 14.34 9.41 34.90
CA VAL G 16 13.21 9.65 35.78
C VAL G 16 13.50 10.84 36.69
N THR G 17 12.56 11.79 36.73
CA THR G 17 12.72 12.99 37.54
C THR G 17 12.06 12.82 38.90
N SER G 18 12.22 13.82 39.76
CA SER G 18 11.59 13.81 41.07
C SER G 18 10.20 14.40 41.00
N ILE G 19 9.83 14.89 39.82
CA ILE G 19 8.53 15.53 39.63
C ILE G 19 7.42 14.52 39.37
N ILE G 20 6.37 14.59 40.16
CA ILE G 20 5.19 13.76 39.94
C ILE G 20 4.04 14.65 39.49
N TYR G 21 3.71 14.58 38.20
CA TYR G 21 2.64 15.41 37.66
C TYR G 21 1.28 14.93 38.14
N ASN G 22 0.52 15.84 38.75
CA ASN G 22 -0.81 15.53 39.24
C ASN G 22 -1.88 16.31 38.49
N PRO G 23 -3.10 15.75 38.42
CA PRO G 23 -4.21 16.40 37.72
C PRO G 23 -4.38 17.87 38.14
N GLY G 24 -4.36 18.76 37.16
CA GLY G 24 -4.52 20.18 37.42
C GLY G 24 -3.20 20.93 37.53
N ASP G 25 -2.11 20.18 37.66
CA ASP G 25 -0.78 20.77 37.82
C ASP G 25 -0.36 21.60 36.62
N VAL G 26 0.22 22.76 36.89
CA VAL G 26 0.82 23.59 35.86
C VAL G 26 2.33 23.53 36.05
N ILE G 27 3.05 23.14 35.00
CA ILE G 27 4.50 22.99 35.10
C ILE G 27 5.25 23.78 34.03
N THR G 28 6.50 24.11 34.34
CA THR G 28 7.37 24.77 33.38
C THR G 28 8.66 23.98 33.20
N ILE G 29 9.07 23.81 31.96
CA ILE G 29 10.28 23.07 31.64
C ILE G 29 11.21 23.88 30.74
N VAL G 30 12.48 23.92 31.10
CA VAL G 30 13.48 24.58 30.27
C VAL G 30 14.65 23.63 30.05
N ALA G 31 14.89 23.25 28.80
CA ALA G 31 15.94 22.31 28.46
C ALA G 31 16.99 22.94 27.56
N ALA G 32 18.25 22.58 27.79
CA ALA G 32 19.36 23.12 27.00
C ALA G 32 20.45 22.07 26.82
N GLY G 33 21.37 22.32 25.90
CA GLY G 33 22.49 21.43 25.68
C GLY G 33 22.60 20.93 24.26
N TRP G 34 23.54 20.03 24.03
CA TRP G 34 23.77 19.45 22.71
C TRP G 34 23.91 17.94 22.78
N ALA G 35 23.29 17.24 21.85
CA ALA G 35 23.32 15.79 21.82
C ALA G 35 23.20 15.26 20.39
N SER G 36 23.55 14.00 20.21
CA SER G 36 23.49 13.40 18.87
C SER G 36 22.86 12.01 18.88
N TYR G 37 22.27 11.65 17.74
CA TYR G 37 21.69 10.33 17.56
C TYR G 37 22.61 9.49 16.68
N GLY G 38 23.90 9.76 16.73
CA GLY G 38 24.86 9.03 15.93
C GLY G 38 25.95 9.90 15.30
N PRO G 39 25.57 10.77 14.37
CA PRO G 39 26.50 11.63 13.64
C PRO G 39 27.42 12.45 14.56
N THR G 40 28.52 12.95 14.01
CA THR G 40 29.47 13.76 14.76
C THR G 40 28.84 15.07 15.18
N GLN G 41 28.01 15.62 14.29
CA GLN G 41 27.28 16.85 14.57
C GLN G 41 26.33 16.67 15.75
N LYS G 42 26.09 17.75 16.49
CA LYS G 42 25.16 17.72 17.61
C LYS G 42 23.99 18.67 17.38
N TRP G 43 22.82 18.29 17.90
CA TRP G 43 21.62 19.12 17.76
C TRP G 43 21.09 19.56 19.12
N GLY G 44 20.30 20.63 19.11
CA GLY G 44 19.69 21.14 20.32
C GLY G 44 18.50 20.30 20.76
N PRO G 45 17.81 20.74 21.82
CA PRO G 45 16.66 20.03 22.40
C PRO G 45 15.51 19.83 21.41
N GLN G 46 15.57 20.47 20.25
CA GLN G 46 14.52 20.33 19.24
C GLN G 46 14.85 19.22 18.24
N GLY G 47 16.08 18.75 18.28
CA GLY G 47 16.50 17.65 17.42
C GLY G 47 16.92 18.08 16.03
N ASP G 48 16.84 17.13 15.09
CA ASP G 48 17.23 17.38 13.70
C ASP G 48 16.01 17.49 12.81
N ARG G 49 15.72 18.71 12.36
CA ARG G 49 14.54 18.96 11.54
C ARG G 49 14.64 18.33 10.16
N GLU G 50 15.87 18.04 9.72
CA GLU G 50 16.08 17.47 8.40
C GLU G 50 16.03 15.94 8.42
N HIS G 51 16.14 15.36 9.60
CA HIS G 51 16.20 13.90 9.73
C HIS G 51 14.83 13.25 9.63
N PRO G 52 14.72 12.19 8.81
CA PRO G 52 13.46 11.47 8.63
C PRO G 52 13.13 10.57 9.81
N ASP G 53 11.84 10.30 10.01
CA ASP G 53 11.37 9.47 11.11
C ASP G 53 11.47 8.00 10.74
N GLN G 54 12.26 7.24 11.50
CA GLN G 54 12.44 5.82 11.24
C GLN G 54 11.98 4.96 12.42
N GLY G 55 10.91 5.39 13.08
CA GLY G 55 10.37 4.65 14.22
C GLY G 55 10.73 5.27 15.55
N LEU G 56 10.75 6.60 15.60
CA LEU G 56 11.06 7.32 16.83
C LEU G 56 10.02 7.02 17.90
N ILE G 57 10.43 7.13 19.17
CA ILE G 57 9.52 6.90 20.28
C ILE G 57 8.45 7.99 20.32
N CYS G 58 8.76 9.13 19.72
CA CYS G 58 7.79 10.23 19.59
C CYS G 58 7.75 10.72 18.15
N HIS G 59 6.62 10.53 17.49
CA HIS G 59 6.46 10.90 16.09
C HIS G 59 6.07 12.36 15.92
N ASP G 60 5.72 13.02 17.01
CA ASP G 60 5.36 14.44 16.97
C ASP G 60 6.55 15.32 17.32
N ALA G 61 7.75 14.78 17.19
CA ALA G 61 8.98 15.54 17.42
C ALA G 61 10.11 14.97 16.57
N PHE G 62 11.07 15.83 16.22
CA PHE G 62 12.19 15.41 15.39
C PHE G 62 13.12 14.46 16.13
N CYS G 63 13.84 13.65 15.37
CA CYS G 63 14.86 12.77 15.94
C CYS G 63 15.93 13.60 16.65
N GLY G 64 16.17 13.29 17.92
CA GLY G 64 17.17 14.01 18.69
C GLY G 64 16.57 15.06 19.60
N ALA G 65 15.24 15.16 19.58
CA ALA G 65 14.54 16.13 20.42
C ALA G 65 14.28 15.58 21.81
N LEU G 66 14.03 16.46 22.76
CA LEU G 66 13.69 16.04 24.12
C LEU G 66 12.20 15.77 24.24
N VAL G 67 11.86 14.57 24.70
CA VAL G 67 10.46 14.22 24.94
C VAL G 67 10.31 13.71 26.37
N MET G 68 9.08 13.42 26.77
CA MET G 68 8.83 12.96 28.13
C MET G 68 7.66 11.99 28.19
N LYS G 69 7.57 11.28 29.31
CA LYS G 69 6.41 10.48 29.64
C LYS G 69 5.88 10.92 30.99
N ILE G 70 4.55 10.93 31.13
CA ILE G 70 3.93 11.24 32.41
C ILE G 70 3.17 10.01 32.90
N GLY G 71 3.76 9.28 33.84
CA GLY G 71 3.21 8.01 34.27
C GLY G 71 3.49 6.96 33.21
N ASN G 72 2.45 6.22 32.82
CA ASN G 72 2.59 5.21 31.78
C ASN G 72 1.96 5.66 30.46
N SER G 73 1.98 6.97 30.23
CA SER G 73 1.40 7.53 29.00
C SER G 73 2.38 7.42 27.84
N GLY G 74 1.93 7.84 26.66
CA GLY G 74 2.79 7.90 25.50
C GLY G 74 3.72 9.10 25.57
N THR G 75 4.68 9.15 24.67
CA THR G 75 5.65 10.24 24.65
C THR G 75 4.99 11.59 24.35
N ILE G 76 5.50 12.63 24.99
CA ILE G 76 5.02 14.00 24.76
C ILE G 76 6.20 14.90 24.41
N PRO G 77 6.09 15.65 23.30
CA PRO G 77 7.17 16.54 22.87
C PRO G 77 7.48 17.61 23.90
N VAL G 78 8.74 17.74 24.28
CA VAL G 78 9.16 18.78 25.22
C VAL G 78 10.02 19.82 24.49
N ASN G 79 10.96 19.34 23.69
CA ASN G 79 11.86 20.21 22.94
C ASN G 79 12.62 21.17 23.85
N THR G 80 12.61 22.45 23.50
CA THR G 80 13.31 23.45 24.30
C THR G 80 12.64 23.64 25.66
N GLY G 81 11.39 23.21 25.77
CA GLY G 81 10.68 23.26 27.03
C GLY G 81 9.20 23.57 26.92
N LEU G 82 8.55 23.68 28.06
CA LEU G 82 7.12 23.99 28.12
C LEU G 82 6.89 25.13 29.11
N PHE G 83 6.08 26.11 28.72
CA PHE G 83 5.84 27.28 29.56
C PHE G 83 4.46 27.23 30.20
N ARG G 84 4.44 27.02 31.51
CA ARG G 84 3.18 26.95 32.26
C ARG G 84 2.22 26.01 31.54
N TRP G 85 2.68 24.78 31.34
CA TRP G 85 1.98 23.78 30.54
C TRP G 85 1.09 22.90 31.39
N VAL G 86 -0.06 22.52 30.83
CA VAL G 86 -0.99 21.63 31.50
C VAL G 86 -1.25 20.40 30.65
N ALA G 87 -1.15 19.22 31.26
CA ALA G 87 -1.33 17.96 30.55
C ALA G 87 -2.81 17.66 30.29
N PRO G 88 -3.10 16.92 29.21
CA PRO G 88 -4.46 16.51 28.87
C PRO G 88 -5.09 15.68 30.00
N ASN G 89 -6.41 15.47 29.92
CA ASN G 89 -7.12 14.73 30.94
C ASN G 89 -6.62 13.29 31.08
N ASN G 90 -6.71 12.75 32.29
CA ASN G 90 -6.30 11.37 32.56
C ASN G 90 -4.81 11.12 32.38
N VAL G 91 -4.01 12.18 32.50
CA VAL G 91 -2.57 12.05 32.37
C VAL G 91 -1.87 12.49 33.66
N GLN G 92 -1.24 11.54 34.33
CA GLN G 92 -0.57 11.81 35.60
C GLN G 92 0.51 10.77 35.90
N GLY G 93 1.38 11.07 36.86
CA GLY G 93 2.43 10.16 37.24
C GLY G 93 3.80 10.80 37.19
N ALA G 94 4.83 10.04 37.55
CA ALA G 94 6.19 10.53 37.52
C ALA G 94 6.58 10.97 36.11
N ILE G 95 7.39 12.03 36.03
CA ILE G 95 7.86 12.52 34.75
C ILE G 95 9.19 11.89 34.38
N THR G 96 9.24 11.25 33.21
CA THR G 96 10.47 10.65 32.71
C THR G 96 10.90 11.35 31.43
N LEU G 97 12.04 12.03 31.48
CA LEU G 97 12.59 12.69 30.31
C LEU G 97 13.35 11.70 29.44
N ILE G 98 13.12 11.74 28.13
CA ILE G 98 13.74 10.80 27.21
C ILE G 98 14.24 11.47 25.93
N TYR G 99 15.41 11.04 25.48
CA TYR G 99 15.94 11.49 24.20
C TYR G 99 15.19 10.79 23.08
N ASN G 100 14.70 11.57 22.11
CA ASN G 100 13.90 11.01 21.03
C ASN G 100 14.74 10.29 19.99
N ASP G 101 14.62 8.97 19.95
CA ASP G 101 15.37 8.16 19.00
C ASP G 101 14.66 6.85 18.73
N VAL G 102 15.15 6.08 17.76
CA VAL G 102 14.57 4.78 17.45
C VAL G 102 15.02 3.73 18.45
N PRO G 103 14.06 3.02 19.06
CA PRO G 103 14.38 1.98 20.04
C PRO G 103 15.40 0.98 19.48
N GLY G 104 16.45 0.73 20.25
CA GLY G 104 17.48 -0.22 19.85
C GLY G 104 18.68 0.41 19.18
N THR G 105 18.63 1.72 18.94
CA THR G 105 19.72 2.41 18.26
C THR G 105 20.42 3.42 19.16
N TYR G 106 19.94 3.58 20.38
CA TYR G 106 20.52 4.54 21.32
C TYR G 106 22.01 4.30 21.60
N GLY G 107 22.52 3.16 21.16
CA GLY G 107 23.88 2.75 21.45
C GLY G 107 24.96 3.73 21.01
N ASN G 108 24.81 4.32 19.83
CA ASN G 108 25.83 5.22 19.30
C ASN G 108 25.52 6.70 19.57
N ASN G 109 24.84 6.97 20.67
CA ASN G 109 24.48 8.35 21.02
C ASN G 109 25.51 9.02 21.90
N SER G 110 25.44 10.35 21.98
CA SER G 110 26.36 11.13 22.79
C SER G 110 25.74 12.48 23.15
N GLY G 111 26.29 13.12 24.18
CA GLY G 111 25.77 14.40 24.63
C GLY G 111 24.57 14.23 25.54
N SER G 112 23.99 15.34 25.96
CA SER G 112 22.86 15.31 26.87
C SER G 112 22.18 16.67 26.96
N PHE G 113 21.08 16.72 27.70
CA PHE G 113 20.34 17.96 27.90
C PHE G 113 20.22 18.28 29.38
N SER G 114 20.59 19.50 29.76
CA SER G 114 20.36 19.97 31.12
C SER G 114 18.94 20.52 31.20
N VAL G 115 18.12 19.92 32.05
CA VAL G 115 16.70 20.26 32.10
C VAL G 115 16.24 20.72 33.47
N ASN G 116 15.52 21.84 33.51
CA ASN G 116 14.89 22.31 34.73
C ASN G 116 13.38 22.10 34.67
N ILE G 117 12.83 21.46 35.69
CA ILE G 117 11.39 21.25 35.78
C ILE G 117 10.87 21.72 37.13
N GLY G 118 9.94 22.68 37.10
CA GLY G 118 9.31 23.16 38.31
C GLY G 118 7.81 23.24 38.14
N LYS G 119 7.09 23.19 39.25
CA LYS G 119 5.65 23.35 39.22
C LYS G 119 5.29 24.81 39.44
N ASP G 120 4.53 25.38 38.51
CA ASP G 120 4.07 26.75 38.64
C ASP G 120 2.85 26.80 39.54
N GLN G 121 2.55 27.98 40.08
CA GLN G 121 1.39 28.11 40.94
C GLN G 121 0.11 28.00 40.13
N SER G 122 -0.95 27.48 40.75
CA SER G 122 -2.21 27.25 40.05
C SER G 122 -3.38 27.18 41.01
N ALA H 2 -11.63 33.23 32.29
CA ALA H 2 -11.16 33.22 30.91
C ALA H 2 -10.09 32.16 30.72
N TRP H 3 -9.77 31.86 29.47
CA TRP H 3 -8.76 30.85 29.16
C TRP H 3 -7.76 31.35 28.12
N LYS H 4 -6.50 30.96 28.29
CA LYS H 4 -5.45 31.32 27.35
C LYS H 4 -4.44 30.18 27.26
N GLY H 5 -4.15 29.75 26.04
CA GLY H 5 -3.21 28.65 25.84
C GLY H 5 -2.80 28.43 24.40
N GLU H 6 -2.14 27.31 24.16
CA GLU H 6 -1.63 26.98 22.84
C GLU H 6 -2.52 25.96 22.13
N VAL H 7 -2.57 26.06 20.80
CA VAL H 7 -3.28 25.08 19.98
C VAL H 7 -2.36 24.59 18.87
N LEU H 8 -1.60 23.54 19.15
CA LEU H 8 -0.63 23.03 18.19
C LEU H 8 -1.32 22.46 16.95
N ALA H 9 -0.80 22.82 15.78
CA ALA H 9 -1.40 22.43 14.51
C ALA H 9 -1.36 20.91 14.30
N ASN H 10 -0.39 20.25 14.91
CA ASN H 10 -0.26 18.80 14.76
C ASN H 10 -1.15 18.00 15.70
N ASN H 11 -1.78 18.69 16.65
CA ASN H 11 -2.65 18.03 17.61
C ASN H 11 -4.02 17.72 17.02
N GLU H 12 -4.22 16.46 16.65
CA GLU H 12 -5.47 16.04 16.02
C GLU H 12 -6.60 15.92 17.04
N ALA H 13 -6.26 15.56 18.27
CA ALA H 13 -7.25 15.41 19.33
C ALA H 13 -7.80 16.77 19.75
N GLY H 14 -7.07 17.83 19.40
CA GLY H 14 -7.51 19.18 19.74
C GLY H 14 -7.08 19.59 21.13
N GLN H 15 -7.16 20.89 21.41
CA GLN H 15 -6.77 21.43 22.71
C GLN H 15 -7.99 21.76 23.56
N VAL H 16 -8.21 20.99 24.61
CA VAL H 16 -9.32 21.23 25.51
C VAL H 16 -9.09 22.48 26.36
N THR H 17 -10.10 23.34 26.43
CA THR H 17 -10.00 24.57 27.21
C THR H 17 -10.75 24.42 28.53
N SER H 18 -10.59 25.40 29.41
CA SER H 18 -11.29 25.40 30.69
C SER H 18 -12.64 26.09 30.55
N ILE H 19 -13.01 26.41 29.32
CA ILE H 19 -14.27 27.08 29.05
C ILE H 19 -15.39 26.08 28.79
N ILE H 20 -16.41 26.10 29.65
CA ILE H 20 -17.59 25.27 29.45
C ILE H 20 -18.74 26.16 28.98
N TYR H 21 -19.06 26.08 27.69
CA TYR H 21 -20.11 26.92 27.13
C TYR H 21 -21.50 26.47 27.59
N ASN H 22 -22.27 27.41 28.11
CA ASN H 22 -23.62 27.13 28.56
C ASN H 22 -24.65 27.95 27.79
N PRO H 23 -25.89 27.44 27.70
CA PRO H 23 -26.96 28.16 26.99
C PRO H 23 -27.06 29.62 27.43
N GLY H 24 -27.08 30.53 26.47
CA GLY H 24 -27.19 31.95 26.77
C GLY H 24 -25.86 32.64 26.90
N ASP H 25 -24.78 31.86 26.96
CA ASP H 25 -23.44 32.40 27.13
C ASP H 25 -22.99 33.24 25.93
N VAL H 26 -22.51 34.44 26.20
CA VAL H 26 -21.90 35.28 25.19
C VAL H 26 -20.39 35.25 25.41
N ILE H 27 -19.65 34.83 24.38
CA ILE H 27 -18.21 34.69 24.53
C ILE H 27 -17.43 35.47 23.48
N THR H 28 -16.18 35.76 23.79
CA THR H 28 -15.27 36.39 22.85
C THR H 28 -13.99 35.57 22.72
N ILE H 29 -13.55 35.37 21.49
CA ILE H 29 -12.33 34.62 21.23
C ILE H 29 -11.38 35.42 20.35
N VAL H 30 -10.10 35.40 20.69
CA VAL H 30 -9.08 36.02 19.87
C VAL H 30 -7.96 35.03 19.61
N ALA H 31 -7.69 34.75 18.34
CA ALA H 31 -6.66 33.79 17.96
C ALA H 31 -5.58 34.44 17.12
N ALA H 32 -4.32 34.13 17.43
CA ALA H 32 -3.20 34.70 16.71
C ALA H 32 -2.08 33.68 16.54
N GLY H 33 -1.19 33.91 15.59
CA GLY H 33 -0.05 33.04 15.37
C GLY H 33 0.04 32.53 13.94
N TRP H 34 0.99 31.64 13.70
CA TRP H 34 1.20 31.06 12.39
C TRP H 34 1.34 29.54 12.50
N ALA H 35 0.76 28.83 11.53
CA ALA H 35 0.82 27.38 11.53
C ALA H 35 0.74 26.84 10.11
N SER H 36 1.13 25.59 9.93
CA SER H 36 1.12 24.96 8.61
C SER H 36 0.52 23.56 8.63
N TYR H 37 -0.12 23.21 7.52
CA TYR H 37 -0.69 21.87 7.35
C TYR H 37 0.24 21.02 6.49
N GLY H 38 1.55 21.29 6.56
CA GLY H 38 2.52 20.54 5.80
C GLY H 38 3.57 21.38 5.10
N PRO H 39 3.13 22.24 4.16
CA PRO H 39 4.03 23.08 3.37
C PRO H 39 4.98 23.91 4.23
N THR H 40 6.06 24.41 3.63
CA THR H 40 7.03 25.23 4.33
C THR H 40 6.40 26.56 4.74
N GLN H 41 5.45 27.01 3.93
CA GLN H 41 4.71 28.24 4.20
C GLN H 41 3.85 28.09 5.45
N LYS H 42 3.55 29.21 6.10
CA LYS H 42 2.65 29.21 7.25
C LYS H 42 1.46 30.15 7.01
N TRP H 43 0.32 29.81 7.61
CA TRP H 43 -0.88 30.62 7.47
C TRP H 43 -1.43 31.04 8.83
N GLY H 44 -2.29 32.05 8.82
CA GLY H 44 -2.90 32.55 10.04
C GLY H 44 -4.10 31.74 10.46
N PRO H 45 -4.81 32.21 11.49
CA PRO H 45 -5.98 31.51 12.05
C PRO H 45 -7.09 31.31 11.03
N GLN H 46 -6.99 31.95 9.86
CA GLN H 46 -8.00 31.81 8.82
C GLN H 46 -7.62 30.73 7.80
N GLY H 47 -6.41 30.20 7.94
CA GLY H 47 -5.96 29.12 7.08
C GLY H 47 -5.59 29.54 5.67
N ASP H 48 -5.63 28.58 4.76
CA ASP H 48 -5.21 28.81 3.37
C ASP H 48 -6.43 28.95 2.46
N ARG H 49 -6.66 30.16 1.96
CA ARG H 49 -7.81 30.46 1.13
C ARG H 49 -7.71 29.85 -0.27
N GLU H 50 -6.51 29.46 -0.66
CA GLU H 50 -6.29 28.90 -2.00
C GLU H 50 -6.24 27.38 -2.00
N HIS H 51 -6.38 26.77 -0.82
CA HIS H 51 -6.25 25.33 -0.69
C HIS H 51 -7.58 24.61 -0.80
N PRO H 52 -7.62 23.48 -1.53
CA PRO H 52 -8.83 22.70 -1.73
C PRO H 52 -9.20 21.88 -0.49
N ASP H 53 -10.50 21.76 -0.23
CA ASP H 53 -10.98 20.93 0.88
C ASP H 53 -10.91 19.47 0.50
N GLN H 54 -10.09 18.71 1.22
CA GLN H 54 -9.90 17.30 0.92
C GLN H 54 -10.45 16.41 2.05
N GLY H 55 -11.46 16.90 2.75
CA GLY H 55 -12.05 16.16 3.85
C GLY H 55 -11.69 16.74 5.20
N LEU H 56 -11.72 18.07 5.30
CA LEU H 56 -11.40 18.76 6.54
C LEU H 56 -12.44 18.47 7.61
N ILE H 57 -12.02 18.52 8.87
CA ILE H 57 -12.93 18.30 9.98
C ILE H 57 -14.01 19.38 10.02
N CYS H 58 -13.71 20.52 9.41
CA CYS H 58 -14.67 21.62 9.29
C CYS H 58 -14.74 22.09 7.85
N HIS H 59 -15.88 21.88 7.20
CA HIS H 59 -16.06 22.23 5.80
C HIS H 59 -16.53 23.68 5.64
N ASP H 60 -16.66 24.38 6.76
CA ASP H 60 -17.06 25.78 6.73
C ASP H 60 -15.87 26.71 6.98
N ALA H 61 -14.67 26.13 6.98
CA ALA H 61 -13.45 26.90 7.17
C ALA H 61 -12.32 26.37 6.30
N PHE H 62 -11.37 27.24 5.97
CA PHE H 62 -10.24 26.86 5.12
C PHE H 62 -9.29 25.93 5.86
N CYS H 63 -8.54 25.15 5.09
CA CYS H 63 -7.53 24.26 5.65
C CYS H 63 -6.46 25.08 6.35
N GLY H 64 -6.24 24.80 7.63
CA GLY H 64 -5.25 25.51 8.41
C GLY H 64 -5.87 26.56 9.32
N ALA H 65 -7.18 26.70 9.23
CA ALA H 65 -7.92 27.66 10.06
C ALA H 65 -8.19 27.08 11.44
N LEU H 66 -8.40 27.95 12.43
CA LEU H 66 -8.76 27.51 13.76
C LEU H 66 -10.26 27.22 13.84
N VAL H 67 -10.61 26.06 14.36
CA VAL H 67 -12.00 25.69 14.55
C VAL H 67 -12.21 25.18 15.97
N MET H 68 -13.46 24.93 16.34
CA MET H 68 -13.76 24.47 17.69
C MET H 68 -14.93 23.51 17.73
N LYS H 69 -14.99 22.73 18.80
CA LYS H 69 -16.16 21.94 19.13
C LYS H 69 -16.70 22.42 20.46
N ILE H 70 -18.02 22.38 20.62
CA ILE H 70 -18.63 22.71 21.90
C ILE H 70 -19.40 21.50 22.42
N GLY H 71 -18.79 20.81 23.38
CA GLY H 71 -19.33 19.54 23.84
C GLY H 71 -19.01 18.44 22.85
N ASN H 72 -20.04 17.79 22.33
CA ASN H 72 -19.86 16.77 21.30
C ASN H 72 -20.46 17.20 19.98
N SER H 73 -20.60 18.51 19.80
CA SER H 73 -21.19 19.06 18.58
C SER H 73 -20.22 18.92 17.41
N GLY H 74 -20.67 19.33 16.23
CA GLY H 74 -19.82 19.36 15.06
C GLY H 74 -18.86 20.53 15.14
N THR H 75 -17.91 20.59 14.22
CA THR H 75 -16.93 21.66 14.20
C THR H 75 -17.57 23.01 13.89
N ILE H 76 -17.07 24.04 14.55
CA ILE H 76 -17.55 25.40 14.33
C ILE H 76 -16.37 26.33 14.06
N PRO H 77 -16.41 27.06 12.94
CA PRO H 77 -15.32 27.96 12.56
C PRO H 77 -15.04 29.02 13.62
N VAL H 78 -13.77 29.25 13.91
CA VAL H 78 -13.37 30.29 14.84
C VAL H 78 -12.53 31.34 14.11
N ASN H 79 -11.57 30.86 13.31
CA ASN H 79 -10.71 31.74 12.55
C ASN H 79 -9.96 32.72 13.44
N THR H 80 -9.97 33.99 13.07
CA THR H 80 -9.26 35.01 13.84
C THR H 80 -9.93 35.25 15.19
N GLY H 81 -11.17 34.81 15.34
CA GLY H 81 -11.87 34.92 16.61
C GLY H 81 -13.36 35.20 16.48
N LEU H 82 -14.01 35.34 17.62
CA LEU H 82 -15.44 35.61 17.67
C LEU H 82 -15.73 36.76 18.64
N PHE H 83 -16.49 37.74 18.19
CA PHE H 83 -16.79 38.92 19.00
C PHE H 83 -18.17 38.83 19.63
N ARG H 84 -18.21 38.62 20.94
CA ARG H 84 -19.47 38.50 21.68
C ARG H 84 -20.42 37.55 20.95
N TRP H 85 -19.92 36.35 20.70
CA TRP H 85 -20.61 35.36 19.88
C TRP H 85 -21.50 34.46 20.73
N VAL H 86 -22.68 34.14 20.20
CA VAL H 86 -23.62 33.25 20.88
C VAL H 86 -23.87 32.00 20.04
N ALA H 87 -23.64 30.84 20.62
CA ALA H 87 -23.80 29.56 19.93
C ALA H 87 -25.27 29.27 19.62
N PRO H 88 -25.51 28.43 18.59
CA PRO H 88 -26.86 28.00 18.23
C PRO H 88 -27.51 27.19 19.34
N ASN H 89 -28.81 26.94 19.21
CA ASN H 89 -29.54 26.17 20.21
C ASN H 89 -29.03 24.75 20.37
N ASN H 90 -29.19 24.20 21.58
CA ASN H 90 -28.82 22.81 21.85
C ASN H 90 -27.33 22.54 21.70
N VAL H 91 -26.52 23.59 21.77
CA VAL H 91 -25.08 23.46 21.71
C VAL H 91 -24.44 23.89 23.02
N GLN H 92 -23.83 22.96 23.73
CA GLN H 92 -23.22 23.25 25.02
C GLN H 92 -22.12 22.25 25.35
N GLY H 93 -21.33 22.57 26.38
CA GLY H 93 -20.26 21.71 26.81
C GLY H 93 -18.90 22.38 26.72
N ALA H 94 -17.85 21.62 27.03
CA ALA H 94 -16.49 22.15 26.99
C ALA H 94 -16.09 22.57 25.57
N ILE H 95 -15.31 23.64 25.47
CA ILE H 95 -14.81 24.10 24.19
C ILE H 95 -13.45 23.48 23.88
N THR H 96 -13.39 22.77 22.75
CA THR H 96 -12.13 22.19 22.31
C THR H 96 -11.66 22.89 21.05
N LEU H 97 -10.47 23.48 21.10
CA LEU H 97 -9.90 24.18 19.96
C LEU H 97 -9.12 23.22 19.07
N ILE H 98 -9.40 23.25 17.78
CA ILE H 98 -8.77 22.33 16.84
C ILE H 98 -8.23 23.03 15.60
N TYR H 99 -7.10 22.53 15.10
CA TYR H 99 -6.54 23.02 13.85
C TYR H 99 -7.24 22.33 12.69
N ASN H 100 -7.81 23.11 11.79
CA ASN H 100 -8.56 22.54 10.67
C ASN H 100 -7.67 21.81 9.68
N ASP H 101 -7.84 20.50 9.59
CA ASP H 101 -7.03 19.68 8.70
C ASP H 101 -7.75 18.36 8.41
N VAL H 102 -7.23 17.59 7.47
CA VAL H 102 -7.79 16.29 7.14
C VAL H 102 -7.33 15.26 8.17
N PRO H 103 -8.28 14.54 8.78
CA PRO H 103 -7.95 13.49 9.74
C PRO H 103 -6.92 12.51 9.18
N GLY H 104 -5.91 12.20 9.99
CA GLY H 104 -4.87 11.26 9.57
C GLY H 104 -3.64 11.94 9.01
N THR H 105 -3.74 13.23 8.71
CA THR H 105 -2.64 13.95 8.09
C THR H 105 -1.97 14.97 9.03
N TYR H 106 -2.44 15.04 10.27
CA TYR H 106 -1.90 16.00 11.23
C TYR H 106 -0.42 15.79 11.55
N GLY H 107 0.12 14.65 11.14
CA GLY H 107 1.48 14.27 11.48
C GLY H 107 2.57 15.20 11.00
N ASN H 108 2.33 15.89 9.89
CA ASN H 108 3.35 16.79 9.33
C ASN H 108 3.07 18.26 9.57
N ASN H 109 2.15 18.55 10.49
CA ASN H 109 1.80 19.92 10.83
C ASN H 109 2.86 20.59 11.70
N SER H 110 2.87 21.92 11.69
CA SER H 110 3.81 22.69 12.50
C SER H 110 3.21 24.04 12.88
N GLY H 111 3.80 24.66 13.90
CA GLY H 111 3.32 25.94 14.39
C GLY H 111 2.16 25.76 15.35
N SER H 112 1.51 26.87 15.69
CA SER H 112 0.40 26.84 16.62
C SER H 112 -0.32 28.19 16.67
N PHE H 113 -1.42 28.24 17.41
CA PHE H 113 -2.19 29.47 17.58
C PHE H 113 -2.35 29.79 19.06
N SER H 114 -2.00 31.02 19.44
CA SER H 114 -2.25 31.51 20.78
C SER H 114 -3.68 32.03 20.84
N VAL H 115 -4.48 31.47 21.75
CA VAL H 115 -5.89 31.80 21.79
C VAL H 115 -6.34 32.33 23.15
N ASN H 116 -7.17 33.36 23.12
CA ASN H 116 -7.80 33.88 24.33
C ASN H 116 -9.31 33.71 24.25
N ILE H 117 -9.88 33.02 25.23
CA ILE H 117 -11.32 32.83 25.29
C ILE H 117 -11.88 33.34 26.61
N GLY H 118 -12.90 34.18 26.53
CA GLY H 118 -13.54 34.72 27.72
C GLY H 118 -15.03 34.90 27.51
N LYS H 119 -15.77 34.86 28.61
CA LYS H 119 -17.21 35.07 28.55
C LYS H 119 -17.50 36.55 28.81
N ASP H 120 -18.41 37.11 28.03
CA ASP H 120 -18.79 38.52 28.16
C ASP H 120 -20.03 38.65 29.04
N GLN H 121 -20.36 39.89 29.40
CA GLN H 121 -21.55 40.14 30.20
C GLN H 121 -22.78 39.78 29.38
N SER H 122 -23.80 39.23 30.05
CA SER H 122 -25.02 38.81 29.38
C SER H 122 -26.27 39.31 30.09
N LYS I 1 1.39 11.78 -7.67
CA LYS I 1 2.32 11.58 -6.57
C LYS I 1 2.76 10.13 -6.47
N PRO I 2 4.02 9.90 -6.07
CA PRO I 2 4.57 8.55 -5.91
C PRO I 2 3.84 7.76 -4.83
N LEU I 3 3.81 6.44 -4.97
CA LEU I 3 3.14 5.59 -4.00
C LEU I 3 4.06 5.27 -2.82
N NH2 I 4 3.52 5.42 -1.61
N LYS J 1 6.45 6.93 10.54
CA LYS J 1 5.28 7.71 10.95
C LYS J 1 4.00 6.90 10.82
N PRO J 2 2.99 7.22 11.63
CA PRO J 2 1.69 6.56 11.55
C PRO J 2 0.90 7.00 10.32
N LEU J 3 -0.15 6.26 9.99
CA LEU J 3 -1.00 6.58 8.84
C LEU J 3 -1.74 7.90 9.04
N NH2 J 4 -2.21 8.48 7.95
N LYS K 1 -16.01 17.57 1.04
CA LYS K 1 -17.32 18.19 1.28
C LYS K 1 -18.45 17.30 0.76
N PRO K 2 -19.31 16.81 1.67
CA PRO K 2 -20.44 15.95 1.36
C PRO K 2 -21.42 16.59 0.38
N LEU K 3 -22.25 15.78 -0.25
CA LEU K 3 -23.30 16.27 -1.14
C LEU K 3 -24.43 16.92 -0.34
N NH2 K 4 -25.19 17.77 -1.01
CA CA L . -3.17 11.21 -18.87
C1 GAL M . -1.82 11.66 -13.72
C2 GAL M . -2.84 11.91 -14.87
C3 GAL M . -3.24 10.51 -15.36
C4 GAL M . -2.00 9.73 -15.86
C5 GAL M . -0.94 9.67 -14.72
C6 GAL M . 0.40 9.10 -15.20
O2 GAL M . -4.03 12.52 -14.41
O3 GAL M . -4.24 10.68 -16.36
O4 GAL M . -1.44 10.32 -17.02
O5 GAL M . -0.70 10.98 -14.21
O6 GAL M . 1.21 8.77 -14.08
C1' PHB N . 1.95 12.63 -8.52
O1' PHB N . 2.61 13.60 -8.14
C1 PHB N . 1.05 12.73 -9.73
C2 PHB N . 0.36 11.60 -10.19
C3 PHB N . -0.48 11.69 -11.31
C4 PHB N . -0.66 12.91 -12.00
C5 PHB N . 0.05 14.05 -11.53
C6 PHB N . 0.90 13.96 -10.41
O4 PHB N . -1.50 12.87 -13.09
CA CA O . 14.59 -1.07 6.14
C1 GAL P . 11.50 2.59 8.16
C2 GAL P . 12.86 1.85 8.01
C3 GAL P . 13.37 2.20 6.60
C4 GAL P . 12.36 1.70 5.55
C5 GAL P . 10.99 2.35 5.81
C6 GAL P . 9.86 1.78 4.92
O2 GAL P . 13.84 2.33 8.92
O3 GAL P . 14.67 1.67 6.45
O4 GAL P . 12.25 0.28 5.57
O5 GAL P . 10.60 2.16 7.18
O6 GAL P . 8.72 2.61 5.01
C1' PHB Q . 6.72 5.82 11.22
O1' PHB Q . 6.18 5.65 12.32
C1 PHB Q . 7.84 4.92 10.79
C2 PHB Q . 8.53 5.17 9.57
C3 PHB Q . 9.58 4.32 9.16
C4 PHB Q . 9.96 3.21 9.95
C5 PHB Q . 9.27 2.97 11.16
C6 PHB Q . 8.23 3.81 11.57
O4 PHB Q . 11.00 2.44 9.45
CA CA R . -10.27 -12.43 23.88
C1 GAL S . -6.76 -9.85 26.80
C2 GAL S . -8.18 -10.03 26.20
C3 GAL S . -8.78 -11.25 26.90
C4 GAL S . -7.91 -12.49 26.64
C5 GAL S . -6.47 -12.23 27.12
C6 GAL S . -5.50 -13.34 26.71
O2 GAL S . -9.03 -8.93 26.48
O3 GAL S . -10.12 -11.41 26.49
O4 GAL S . -7.91 -12.82 25.25
O5 GAL S . -5.97 -10.99 26.58
O6 GAL S . -4.32 -13.26 27.49
C1' PHB T . -1.34 -6.75 28.71
O1' PHB T . -0.85 -7.37 29.66
C1 PHB T . -2.59 -7.24 28.04
C2 PHB T . -2.95 -6.77 26.75
C3 PHB T . -4.13 -7.24 26.13
C4 PHB T . -4.98 -8.17 26.79
C5 PHB T . -4.61 -8.62 28.08
C6 PHB T . -3.43 -8.16 28.69
O4 PHB T . -6.16 -8.68 26.28
CA CA U . 19.03 -0.23 -8.87
C1 GAL V . 20.32 0.22 -3.55
C2 GAL V . 19.34 0.45 -4.73
C3 GAL V . 19.01 -0.95 -5.29
C4 GAL V . 20.30 -1.64 -5.77
C5 GAL V . 21.32 -1.70 -4.61
C6 GAL V . 22.70 -2.21 -5.06
O2 GAL V . 18.10 1.01 -4.30
O3 GAL V . 18.04 -0.80 -6.30
O4 GAL V . 20.86 -0.94 -6.89
O5 GAL V . 21.49 -0.41 -4.02
O6 GAL V . 23.44 -2.66 -3.93
C1' PHB W . 23.66 1.50 1.94
O1' PHB W . 24.33 0.51 2.24
C1 PHB W . 22.85 1.52 0.67
C2 PHB W . 22.56 2.73 0.01
C3 PHB W . 21.80 2.74 -1.18
C4 PHB W . 21.32 1.53 -1.74
C5 PHB W . 21.61 0.32 -1.08
C6 PHB W . 22.37 0.32 0.11
O4 PHB W . 20.58 1.44 -2.90
CA CA X . -32.71 -0.78 13.52
C1 GAL Y . -29.27 1.89 16.49
C2 GAL Y . -30.68 1.72 15.89
C3 GAL Y . -31.30 0.49 16.59
C4 GAL Y . -30.43 -0.75 16.30
C5 GAL Y . -28.99 -0.48 16.82
C6 GAL Y . -28.00 -1.61 16.45
O2 GAL Y . -31.55 2.81 16.19
O3 GAL Y . -32.64 0.34 16.14
O4 GAL Y . -30.39 -1.05 14.92
O5 GAL Y . -28.49 0.75 16.28
O6 GAL Y . -26.84 -1.50 17.25
C1' PHB Z . -23.79 4.98 18.29
O1' PHB Z . -23.18 4.28 19.09
C1 PHB Z . -25.06 4.50 17.65
C2 PHB Z . -25.41 4.89 16.34
C3 PHB Z . -26.61 4.44 15.75
C4 PHB Z . -27.48 3.57 16.45
C5 PHB Z . -27.11 3.17 17.75
C6 PHB Z . -25.92 3.63 18.34
O4 PHB Z . -28.67 3.05 15.97
CA CA AA . -7.61 10.39 -4.03
C1 GAL BA . -10.67 14.21 -2.21
C2 GAL BA . -9.31 13.47 -2.32
C3 GAL BA . -8.78 13.77 -3.73
C4 GAL BA . -9.77 13.22 -4.76
C5 GAL BA . -11.16 13.89 -4.54
C6 GAL BA . -12.27 13.30 -5.42
O2 GAL BA . -8.36 13.96 -1.39
O3 GAL BA . -7.49 13.19 -3.81
O4 GAL BA . -9.89 11.80 -4.66
O5 GAL BA . -11.58 13.76 -3.17
O6 GAL BA . -13.43 14.11 -5.31
C1' PHB CA . -15.69 16.39 1.59
O1' PHB CA . -16.06 16.03 2.72
C1 PHB CA . -14.49 15.78 0.94
C2 PHB CA . -13.89 16.38 -0.20
C3 PHB CA . -12.77 15.78 -0.81
C4 PHB CA . -12.25 14.57 -0.30
C5 PHB CA . -12.86 13.98 0.84
C6 PHB CA . -13.97 14.57 1.45
O4 PHB CA . -11.14 14.02 -0.91
CA CA DA . 21.13 6.47 17.47
C1 GAL EA . 20.81 7.07 12.13
C2 GAL EA . 21.56 6.57 13.39
C3 GAL EA . 20.69 5.45 14.00
C4 GAL EA . 19.29 6.00 14.35
C5 GAL EA . 18.65 6.59 13.07
C6 GAL EA . 17.30 7.29 13.34
O2 GAL EA . 22.81 5.97 13.09
O3 GAL EA . 21.37 4.92 15.13
O4 GAL EA . 19.35 6.98 15.37
O5 GAL EA . 19.53 7.54 12.46
O6 GAL EA . 16.60 7.46 12.13
C1' PHB FA . 20.25 9.41 6.06
O1' PHB FA . 19.15 9.09 5.60
C1 PHB FA . 20.63 9.08 7.48
C2 PHB FA . 21.53 9.90 8.20
C3 PHB FA . 21.87 9.59 9.53
C4 PHB FA . 21.32 8.44 10.17
C5 PHB FA . 20.43 7.63 9.44
C6 PHB FA . 20.08 7.95 8.11
O4 PHB FA . 21.59 8.04 11.46
CA CA GA . -1.32 18.04 7.28
C1 GAL HA . -1.43 18.61 1.99
C2 GAL HA . -0.75 18.10 3.28
C3 GAL HA . -1.66 16.98 3.84
C4 GAL HA . -3.08 17.51 4.09
C5 GAL HA . -3.64 18.09 2.78
C6 GAL HA . -5.02 18.77 2.94
O2 GAL HA . 0.51 17.50 3.04
O3 GAL HA . -1.05 16.45 5.00
O4 GAL HA . -3.09 18.50 5.13
O5 GAL HA . -2.73 19.07 2.24
O6 GAL HA . -5.61 18.93 1.66
C1' PHB IA . -1.78 21.19 -4.00
O1' PHB IA . -2.91 21.06 -4.46
C1 PHB IA . -1.45 20.80 -2.59
C2 PHB IA . -0.45 21.49 -1.86
C3 PHB IA . -0.15 21.11 -0.54
C4 PHB IA . -0.84 20.04 0.09
C5 PHB IA . -1.84 19.37 -0.64
C6 PHB IA . -2.14 19.74 -1.97
O4 PHB IA . -0.63 19.61 1.39
#